data_5MA1
#
_entry.id   5MA1
#
_cell.length_a   73.461
_cell.length_b   73.461
_cell.length_c   179.365
_cell.angle_alpha   90.00
_cell.angle_beta   90.00
_cell.angle_gamma   90.00
#
_symmetry.space_group_name_H-M   'P 41'
#
loop_
_entity.id
_entity.type
_entity.pdbx_description
1 polymer 'Tetrachloroethene reductive dehalogenase catalytic subunit PceA'
2 non-polymer 'IRON/SULFUR CLUSTER'
3 non-polymer NORPSEUDO-B12
4 non-polymer GLYCEROL
5 non-polymer 2,4,6-trichlorophenol
6 water water
#
_entity_poly.entity_id   1
_entity_poly.type   'polypeptide(L)'
_entity_poly.pdbx_seq_one_letter_code
;AEKEKNAAEIRQQFAMTAGSPIIVNDKLERYAEVRTAFTHPTSFFKPNYKGEVKPWFLSAYDEKVRQIENGENGPKMKAK
NVGEARAGRALEAAGWTLDINYGNIYPNRFFMLWSGETMTNTQLWAPVGLDRRPPDTTDPVELTNYVKFAARMAGADLVG
VARLNRNWVYSEAVTIPADVPYEQSLHKEIEKPIVFKDVPLPIETDDELIIPNTCENVIVAGIAMNREMMQTAPNSMACA
TTAFCYSRMCMFDMWLCQFIRYMGYYAIPSCNGVGQSVAFAVEAGLGQASRMGACITPEFGPNVRLTKVFTNMPLVPDKP
IDFGVTEFCETCKKCARECPSKAITEGPRTFEGRSIHNQSGKLQWQNDYNKCLGYWPESGGYCGVCVAVCPFTKGNIWIH
DGVEWLIDNTRFLDPLMLGMDDALGYGAKRNITEVWDGKINTYGLDADHFRDTVSFRKDRVKKS
;
_entity_poly.pdbx_strand_id   A,B
#
loop_
_chem_comp.id
_chem_comp.type
_chem_comp.name
_chem_comp.formula
BVQ non-polymer NORPSEUDO-B12 'C57 H82 Co N16 O14 P 5'
GOL non-polymer GLYCEROL 'C3 H8 O3'
SF4 non-polymer 'IRON/SULFUR CLUSTER' 'Fe4 S4'
T6C non-polymer 2,4,6-trichlorophenol 'C6 H3 Cl3 O'
#
# COMPACT_ATOMS: atom_id res chain seq x y z
N PHE A 14 22.09 20.89 19.07
CA PHE A 14 22.20 19.45 19.30
C PHE A 14 23.33 18.75 18.54
N ALA A 15 24.06 19.51 17.71
CA ALA A 15 25.32 19.10 17.08
C ALA A 15 25.09 18.19 15.88
N MET A 16 25.92 18.37 14.85
CA MET A 16 25.78 17.64 13.59
C MET A 16 26.34 16.23 13.73
N THR A 17 25.83 15.33 12.89
CA THR A 17 26.32 13.96 12.89
C THR A 17 27.66 13.92 12.18
N ALA A 18 28.50 12.99 12.63
CA ALA A 18 29.79 12.79 12.01
C ALA A 18 29.58 12.56 10.53
N GLY A 19 30.28 13.36 9.73
CA GLY A 19 30.29 13.11 8.31
C GLY A 19 29.07 13.58 7.56
N SER A 20 28.26 14.44 8.13
CA SER A 20 27.16 15.00 7.36
C SER A 20 27.68 15.84 6.19
N PRO A 21 27.09 15.71 5.00
CA PRO A 21 27.46 16.59 3.87
C PRO A 21 26.94 18.03 4.00
N ILE A 22 25.96 18.29 4.85
CA ILE A 22 25.30 19.59 4.89
C ILE A 22 26.19 20.58 5.64
N ILE A 23 26.52 21.70 4.98
CA ILE A 23 27.38 22.73 5.54
C ILE A 23 26.53 23.68 6.39
N VAL A 24 26.91 23.86 7.66
CA VAL A 24 26.14 24.64 8.60
C VAL A 24 27.04 25.65 9.31
N ASN A 25 26.41 26.63 9.95
CA ASN A 25 27.18 27.58 10.77
C ASN A 25 26.55 27.73 12.16
N ASP A 26 27.04 28.68 12.96
CA ASP A 26 26.60 28.78 14.36
C ASP A 26 25.19 29.29 14.50
N LYS A 27 24.58 29.80 13.43
CA LYS A 27 23.21 30.30 13.51
C LYS A 27 22.19 29.17 13.46
N LEU A 28 22.61 27.96 13.11
CA LEU A 28 21.66 26.87 12.95
C LEU A 28 20.90 26.61 14.23
N GLU A 29 19.60 26.50 14.10
CA GLU A 29 18.70 26.21 15.20
C GLU A 29 17.63 25.28 14.68
N ARG A 30 17.18 24.37 15.53
CA ARG A 30 16.09 23.51 15.12
C ARG A 30 14.89 24.35 14.70
N TYR A 31 14.09 23.81 13.79
CA TYR A 31 13.10 24.58 13.05
C TYR A 31 11.71 24.13 13.50
N ALA A 32 10.87 25.08 13.87
CA ALA A 32 9.53 24.74 14.33
C ALA A 32 8.65 24.44 13.13
N GLU A 33 7.96 23.27 13.16
CA GLU A 33 7.17 22.82 12.02
C GLU A 33 6.11 23.84 11.59
N VAL A 34 5.51 24.54 12.56
CA VAL A 34 4.45 25.48 12.23
C VAL A 34 4.87 26.51 11.19
N ARG A 35 6.18 26.69 10.95
CA ARG A 35 6.68 27.72 10.05
C ARG A 35 6.69 27.32 8.58
N THR A 36 6.34 26.08 8.24
CA THR A 36 6.21 25.74 6.83
C THR A 36 5.10 26.59 6.19
N ALA A 37 5.20 26.81 4.88
CA ALA A 37 4.22 27.65 4.22
C ALA A 37 2.81 27.10 4.34
N PHE A 38 2.70 25.77 4.49
CA PHE A 38 1.41 25.09 4.67
C PHE A 38 0.68 25.52 5.94
N THR A 39 1.41 25.71 7.01
CA THR A 39 0.78 25.91 8.29
C THR A 39 0.91 27.32 8.81
N HIS A 40 1.81 28.10 8.27
CA HIS A 40 2.13 29.36 8.97
C HIS A 40 1.08 30.43 8.72
N PRO A 41 0.78 31.23 9.76
CA PRO A 41 -0.29 32.24 9.65
C PRO A 41 -0.12 33.22 8.50
N THR A 42 1.12 33.52 8.12
CA THR A 42 1.36 34.48 7.05
C THR A 42 1.24 33.87 5.67
N SER A 43 1.24 32.54 5.55
CA SER A 43 1.12 31.91 4.25
C SER A 43 -0.18 31.17 4.06
N PHE A 44 -0.87 30.82 5.15
CA PHE A 44 -1.94 29.83 5.12
C PHE A 44 -3.16 30.30 4.35
N PHE A 45 -3.27 31.60 4.10
CA PHE A 45 -4.47 32.17 3.49
C PHE A 45 -4.17 32.68 2.09
N LYS A 46 -4.97 32.25 1.12
CA LYS A 46 -4.74 32.64 -0.25
C LYS A 46 -6.04 32.97 -0.93
N PRO A 47 -6.02 33.93 -1.87
CA PRO A 47 -7.22 34.25 -2.66
C PRO A 47 -7.69 33.03 -3.43
N ASN A 48 -9.01 32.84 -3.50
CA ASN A 48 -9.53 31.95 -4.52
C ASN A 48 -9.74 32.74 -5.81
N TYR A 49 -10.23 32.07 -6.86
CA TYR A 49 -10.33 32.73 -8.16
C TYR A 49 -11.42 33.79 -8.21
N LYS A 50 -12.18 33.98 -7.13
CA LYS A 50 -13.10 35.11 -7.04
C LYS A 50 -12.68 36.14 -6.01
N GLY A 51 -11.51 35.98 -5.40
CA GLY A 51 -10.96 36.97 -4.51
C GLY A 51 -11.18 36.70 -3.03
N GLU A 52 -11.99 35.71 -2.68
CA GLU A 52 -12.19 35.38 -1.27
C GLU A 52 -10.96 34.68 -0.71
N VAL A 53 -10.62 35.04 0.53
CA VAL A 53 -9.42 34.55 1.18
C VAL A 53 -9.80 33.35 2.03
N LYS A 54 -9.32 32.19 1.67
CA LYS A 54 -9.65 30.99 2.40
C LYS A 54 -8.34 30.35 2.86
N PRO A 55 -8.40 29.30 3.70
CA PRO A 55 -7.31 28.34 3.71
C PRO A 55 -6.87 28.03 2.30
N TRP A 56 -5.55 27.95 2.07
CA TRP A 56 -5.04 27.81 0.71
C TRP A 56 -5.68 26.62 0.00
N PHE A 57 -5.89 25.49 0.72
CA PHE A 57 -6.36 24.28 0.08
C PHE A 57 -7.86 24.35 -0.26
N LEU A 58 -8.64 25.21 0.39
CA LEU A 58 -10.02 25.38 -0.03
C LEU A 58 -10.13 26.30 -1.24
N SER A 59 -9.33 27.36 -1.27
CA SER A 59 -9.17 28.11 -2.50
C SER A 59 -8.75 27.18 -3.63
N ALA A 60 -7.82 26.26 -3.36
CA ALA A 60 -7.45 25.29 -4.38
C ALA A 60 -8.62 24.37 -4.69
N TYR A 61 -9.43 24.03 -3.69
CA TYR A 61 -10.61 23.20 -3.96
C TYR A 61 -11.55 23.89 -4.93
N ASP A 62 -11.81 25.19 -4.72
CA ASP A 62 -12.65 25.97 -5.63
C ASP A 62 -12.13 25.92 -7.06
N GLU A 63 -10.81 26.06 -7.25
CA GLU A 63 -10.27 26.01 -8.61
C GLU A 63 -10.42 24.64 -9.20
N LYS A 64 -10.27 23.60 -8.37
CA LYS A 64 -10.46 22.24 -8.84
C LYS A 64 -11.88 22.04 -9.36
N VAL A 65 -12.88 22.58 -8.65
CA VAL A 65 -14.26 22.43 -9.10
C VAL A 65 -14.52 23.27 -10.35
N ARG A 66 -14.02 24.51 -10.35
CA ARG A 66 -14.12 25.38 -11.52
C ARG A 66 -13.57 24.69 -12.77
N GLN A 67 -12.42 24.04 -12.65
CA GLN A 67 -11.84 23.37 -13.83
C GLN A 67 -12.75 22.24 -14.31
N ILE A 68 -13.32 21.46 -13.40
CA ILE A 68 -14.18 20.36 -13.79
C ILE A 68 -15.39 20.89 -14.54
N GLU A 69 -16.07 21.88 -13.96
CA GLU A 69 -17.23 22.46 -14.63
C GLU A 69 -16.88 23.01 -16.00
N ASN A 70 -15.61 23.41 -16.22
CA ASN A 70 -15.15 23.97 -17.49
C ASN A 70 -14.35 22.99 -18.35
N GLY A 71 -14.37 21.69 -18.04
CA GLY A 71 -13.69 20.73 -18.89
C GLY A 71 -12.19 20.93 -19.01
N GLU A 72 -11.55 21.34 -17.92
CA GLU A 72 -10.13 21.64 -17.93
C GLU A 72 -9.39 20.66 -17.01
N ASN A 73 -8.16 20.34 -17.40
CA ASN A 73 -7.31 19.48 -16.58
C ASN A 73 -6.34 20.26 -15.71
N GLY A 74 -6.17 21.54 -15.97
CA GLY A 74 -5.32 22.40 -15.21
C GLY A 74 -5.68 23.85 -15.50
N PRO A 75 -4.88 24.78 -14.98
CA PRO A 75 -5.18 26.20 -15.21
C PRO A 75 -5.18 26.52 -16.70
N LYS A 76 -6.35 26.90 -17.22
CA LYS A 76 -6.62 27.04 -18.65
C LYS A 76 -6.00 25.96 -19.53
N MET A 77 -5.96 24.70 -19.07
CA MET A 77 -5.64 23.55 -19.93
C MET A 77 -6.94 22.78 -20.19
N LYS A 78 -7.40 22.81 -21.43
CA LYS A 78 -8.68 22.24 -21.80
C LYS A 78 -8.56 20.73 -21.85
N ALA A 79 -9.39 20.03 -21.09
CA ALA A 79 -9.40 18.58 -21.19
C ALA A 79 -10.17 18.14 -22.43
N LYS A 80 -10.02 16.85 -22.77
CA LYS A 80 -10.80 16.22 -23.84
C LYS A 80 -12.28 16.59 -23.73
N ASN A 81 -12.82 16.43 -22.52
CA ASN A 81 -14.21 16.70 -22.19
C ASN A 81 -14.30 16.80 -20.67
N VAL A 82 -15.50 17.05 -20.15
CA VAL A 82 -15.65 17.19 -18.71
C VAL A 82 -15.34 15.87 -18.03
N GLY A 83 -15.78 14.76 -18.64
CA GLY A 83 -15.55 13.44 -18.08
C GLY A 83 -14.08 13.16 -17.82
N GLU A 84 -13.20 13.58 -18.73
CA GLU A 84 -11.77 13.38 -18.49
C GLU A 84 -11.27 14.32 -17.39
N ALA A 85 -11.83 15.53 -17.31
CA ALA A 85 -11.43 16.44 -16.25
C ALA A 85 -11.87 15.90 -14.90
N ARG A 86 -13.10 15.38 -14.83
N ARG A 86 -13.08 15.36 -14.82
CA ARG A 86 -13.60 14.75 -13.63
CA ARG A 86 -13.54 14.79 -13.55
C ARG A 86 -12.74 13.57 -13.20
C ARG A 86 -12.79 13.52 -13.19
N ALA A 87 -12.21 12.82 -14.17
CA ALA A 87 -11.49 11.58 -13.85
C ALA A 87 -10.14 11.87 -13.21
N GLY A 88 -9.47 12.93 -13.65
CA GLY A 88 -8.16 13.23 -13.09
C GLY A 88 -8.23 13.62 -11.63
N ARG A 89 -9.27 14.37 -11.26
CA ARG A 89 -9.43 14.73 -9.85
C ARG A 89 -10.02 13.62 -9.03
N ALA A 90 -10.82 12.74 -9.65
CA ALA A 90 -11.24 11.54 -8.95
C ALA A 90 -10.03 10.69 -8.58
N LEU A 91 -9.09 10.52 -9.51
CA LEU A 91 -7.90 9.73 -9.25
C LEU A 91 -6.98 10.39 -8.23
N GLU A 92 -6.93 11.71 -8.19
CA GLU A 92 -6.07 12.38 -7.21
C GLU A 92 -6.69 12.35 -5.82
N ALA A 93 -8.00 12.57 -5.72
CA ALA A 93 -8.63 12.49 -4.41
C ALA A 93 -8.47 11.08 -3.83
N ALA A 94 -8.77 10.06 -4.64
CA ALA A 94 -8.59 8.68 -4.20
C ALA A 94 -7.16 8.41 -3.70
N GLY A 95 -6.17 8.96 -4.41
CA GLY A 95 -4.79 8.71 -4.07
C GLY A 95 -4.51 8.95 -2.60
N TRP A 96 -5.11 10.00 -2.02
CA TRP A 96 -4.85 10.35 -0.64
C TRP A 96 -5.55 9.36 0.41
N THR A 97 -6.14 8.25 -0.02
CA THR A 97 -6.97 7.44 0.87
C THR A 97 -6.32 7.17 2.22
N LEU A 98 -5.03 6.83 2.24
CA LEU A 98 -4.33 6.44 3.47
C LEU A 98 -3.47 7.57 4.06
N ASP A 99 -3.95 8.80 3.97
CA ASP A 99 -3.20 9.95 4.44
C ASP A 99 -4.15 10.87 5.22
N ILE A 100 -3.70 11.32 6.40
CA ILE A 100 -4.50 12.24 7.21
C ILE A 100 -4.07 13.68 6.91
N ASN A 101 -5.05 14.51 6.50
CA ASN A 101 -4.93 15.98 6.35
C ASN A 101 -3.63 16.39 5.65
N TYR A 102 -3.35 15.74 4.52
CA TYR A 102 -2.23 16.12 3.66
C TYR A 102 -0.88 16.09 4.37
N GLY A 103 -0.28 14.92 4.47
CA GLY A 103 1.08 14.78 4.93
C GLY A 103 1.29 13.90 6.14
N ASN A 104 0.23 13.46 6.86
CA ASN A 104 0.34 12.61 8.06
C ASN A 104 1.24 13.24 9.13
N ILE A 105 1.16 14.57 9.27
CA ILE A 105 2.19 15.25 10.05
C ILE A 105 1.98 15.14 11.55
N TYR A 106 0.77 14.88 12.03
CA TYR A 106 0.58 14.84 13.49
C TYR A 106 1.27 13.62 14.06
N PRO A 107 2.30 13.78 14.93
CA PRO A 107 2.98 12.60 15.48
C PRO A 107 2.11 11.85 16.48
N ASN A 108 2.19 10.52 16.44
CA ASN A 108 1.53 9.65 17.41
C ASN A 108 0.01 9.85 17.38
N ARG A 109 -0.50 10.06 16.17
CA ARG A 109 -1.93 10.16 15.89
C ARG A 109 -2.24 9.36 14.64
N PHE A 110 -3.43 8.77 14.61
CA PHE A 110 -3.91 8.02 13.46
C PHE A 110 -2.94 6.95 12.96
N PHE A 111 -2.37 7.14 11.76
CA PHE A 111 -1.48 6.12 11.21
C PHE A 111 -0.06 6.21 11.75
N MET A 112 0.29 7.30 12.43
CA MET A 112 1.65 7.61 12.85
C MET A 112 1.91 7.29 14.33
N LEU A 113 1.42 6.14 14.82
CA LEU A 113 1.60 5.79 16.23
C LEU A 113 3.05 5.51 16.56
N TRP A 114 3.52 6.07 17.66
CA TRP A 114 4.89 5.87 18.11
C TRP A 114 5.08 4.54 18.85
N SER A 115 4.01 3.89 19.24
CA SER A 115 4.02 2.56 19.81
C SER A 115 3.05 1.70 19.02
N GLY A 116 3.39 0.42 18.83
CA GLY A 116 2.55 -0.51 18.09
C GLY A 116 1.49 -1.20 18.91
N GLU A 117 1.40 -0.91 20.22
CA GLU A 117 0.63 -1.77 21.12
C GLU A 117 -0.86 -1.73 20.85
N THR A 118 -1.42 -0.57 20.49
CA THR A 118 -2.86 -0.53 20.25
C THR A 118 -3.25 -0.96 18.84
N MET A 119 -2.28 -1.23 17.98
CA MET A 119 -2.59 -1.55 16.59
C MET A 119 -3.30 -2.89 16.52
N THR A 120 -4.30 -2.97 15.62
CA THR A 120 -4.99 -4.23 15.42
C THR A 120 -4.01 -5.34 15.07
N ASN A 121 -3.04 -5.06 14.19
CA ASN A 121 -2.08 -6.08 13.80
C ASN A 121 -1.31 -6.62 15.01
N THR A 122 -0.85 -5.72 15.88
CA THR A 122 -0.12 -6.14 17.07
C THR A 122 -0.98 -6.97 18.00
N GLN A 123 -2.27 -6.59 18.17
CA GLN A 123 -3.16 -7.34 19.05
C GLN A 123 -3.40 -8.75 18.51
N LEU A 124 -3.67 -8.87 17.21
CA LEU A 124 -3.86 -10.18 16.59
C LEU A 124 -2.66 -11.09 16.83
N TRP A 125 -1.44 -10.56 16.74
CA TRP A 125 -0.23 -11.35 16.89
C TRP A 125 0.27 -11.43 18.33
N ALA A 126 -0.50 -10.95 19.29
CA ALA A 126 -0.02 -10.83 20.65
C ALA A 126 0.47 -12.15 21.24
N PRO A 127 -0.22 -13.28 21.07
CA PRO A 127 0.31 -14.54 21.61
C PRO A 127 1.74 -14.86 21.20
N VAL A 128 2.19 -14.44 20.02
CA VAL A 128 3.58 -14.73 19.67
C VAL A 128 4.52 -13.88 20.49
N GLY A 129 4.11 -12.66 20.85
CA GLY A 129 4.92 -11.78 21.66
C GLY A 129 6.18 -11.25 21.00
N LEU A 130 6.19 -11.09 19.68
CA LEU A 130 7.38 -10.63 19.00
C LEU A 130 7.76 -9.22 19.46
N ASP A 131 6.77 -8.40 19.79
CA ASP A 131 7.05 -7.06 20.26
C ASP A 131 7.49 -7.01 21.72
N ARG A 132 7.40 -8.12 22.45
CA ARG A 132 7.85 -8.15 23.83
C ARG A 132 9.14 -8.93 24.00
N ARG A 133 9.60 -9.55 23.00
CA ARG A 133 10.71 -10.50 23.09
C ARG A 133 12.01 -9.78 22.78
N PRO A 134 12.99 -9.85 23.67
CA PRO A 134 14.28 -9.19 23.43
C PRO A 134 14.86 -9.57 22.07
N PRO A 135 15.56 -8.64 21.44
CA PRO A 135 16.12 -8.92 20.11
C PRO A 135 16.92 -10.20 20.11
N ASP A 136 16.85 -10.94 19.01
CA ASP A 136 17.77 -12.03 18.81
C ASP A 136 18.94 -11.63 17.92
N THR A 137 18.82 -10.53 17.20
CA THR A 137 19.92 -10.00 16.40
C THR A 137 20.28 -8.61 16.93
N THR A 138 21.55 -8.45 17.30
CA THR A 138 22.08 -7.14 17.65
C THR A 138 23.18 -6.66 16.71
N ASP A 139 23.63 -7.48 15.76
CA ASP A 139 24.74 -7.12 14.90
C ASP A 139 24.26 -6.16 13.83
N PRO A 140 24.86 -4.98 13.71
CA PRO A 140 24.29 -3.97 12.79
C PRO A 140 24.36 -4.39 11.34
N VAL A 141 25.35 -5.22 10.96
CA VAL A 141 25.43 -5.66 9.57
C VAL A 141 24.21 -6.51 9.21
N GLU A 142 23.93 -7.55 9.98
CA GLU A 142 22.74 -8.37 9.73
C GLU A 142 21.48 -7.53 9.81
N LEU A 143 21.39 -6.64 10.80
CA LEU A 143 20.17 -5.85 10.98
C LEU A 143 19.95 -4.93 9.79
N THR A 144 21.00 -4.28 9.30
CA THR A 144 20.85 -3.40 8.14
C THR A 144 20.34 -4.18 6.94
N ASN A 145 20.85 -5.39 6.75
CA ASN A 145 20.39 -6.24 5.66
C ASN A 145 18.93 -6.62 5.84
N TYR A 146 18.57 -7.11 7.03
CA TYR A 146 17.18 -7.46 7.31
C TYR A 146 16.25 -6.28 7.06
N VAL A 147 16.56 -5.11 7.64
CA VAL A 147 15.61 -4.01 7.56
C VAL A 147 15.51 -3.48 6.14
N LYS A 148 16.58 -3.56 5.36
CA LYS A 148 16.51 -3.06 4.00
C LYS A 148 15.70 -4.00 3.12
N PHE A 149 15.85 -5.32 3.34
CA PHE A 149 14.97 -6.27 2.66
C PHE A 149 13.52 -5.95 2.98
N ALA A 150 13.20 -5.81 4.28
CA ALA A 150 11.85 -5.43 4.72
C ALA A 150 11.42 -4.07 4.14
N ALA A 151 12.34 -3.12 4.05
CA ALA A 151 11.97 -1.81 3.49
C ALA A 151 11.52 -1.92 2.02
N ARG A 152 12.14 -2.81 1.24
CA ARG A 152 11.73 -2.97 -0.16
C ARG A 152 10.42 -3.74 -0.29
N MET A 153 10.22 -4.78 0.52
CA MET A 153 8.91 -5.41 0.63
C MET A 153 7.84 -4.38 0.94
N ALA A 154 8.17 -3.40 1.78
CA ALA A 154 7.20 -2.43 2.25
C ALA A 154 7.00 -1.28 1.28
N GLY A 155 7.53 -1.36 0.06
CA GLY A 155 7.18 -0.41 -0.99
C GLY A 155 8.23 0.65 -1.28
N ALA A 156 9.32 0.70 -0.51
CA ALA A 156 10.41 1.61 -0.82
C ALA A 156 11.07 1.21 -2.14
N ASP A 157 11.27 2.20 -3.06
CA ASP A 157 12.18 1.98 -4.19
C ASP A 157 13.63 2.32 -3.86
N LEU A 158 13.86 3.10 -2.82
CA LEU A 158 15.18 3.43 -2.32
C LEU A 158 15.15 3.40 -0.79
N VAL A 159 16.27 2.96 -0.19
CA VAL A 159 16.36 2.94 1.26
C VAL A 159 17.81 3.15 1.70
N GLY A 160 17.98 4.15 2.56
CA GLY A 160 19.28 4.42 3.15
C GLY A 160 19.14 4.63 4.64
N VAL A 161 20.27 4.57 5.33
CA VAL A 161 20.35 4.63 6.77
C VAL A 161 21.31 5.75 7.14
N ALA A 162 20.92 6.61 8.07
CA ALA A 162 21.85 7.59 8.57
C ALA A 162 21.86 7.53 10.10
N ARG A 163 22.91 8.09 10.69
CA ARG A 163 22.82 8.49 12.08
C ARG A 163 21.89 9.70 12.19
N LEU A 164 21.00 9.66 13.20
CA LEU A 164 19.99 10.70 13.33
C LEU A 164 20.61 12.03 13.72
N ASN A 165 20.38 13.06 12.88
CA ASN A 165 20.90 14.40 13.10
C ASN A 165 19.78 15.26 13.63
N ARG A 166 19.85 15.62 14.92
CA ARG A 166 18.71 16.26 15.55
C ARG A 166 18.48 17.68 15.05
N ASN A 167 19.42 18.25 14.30
CA ASN A 167 19.20 19.55 13.70
C ASN A 167 18.05 19.57 12.71
N TRP A 168 17.68 18.42 12.13
CA TRP A 168 16.62 18.32 11.15
C TRP A 168 15.27 17.95 11.77
N VAL A 169 15.26 17.62 13.05
CA VAL A 169 14.04 17.26 13.76
C VAL A 169 13.38 18.53 14.25
N TYR A 170 12.07 18.67 14.00
CA TYR A 170 11.41 19.92 14.33
C TYR A 170 11.50 20.18 15.82
N SER A 171 11.74 21.45 16.16
CA SER A 171 11.76 21.87 17.56
C SER A 171 10.41 21.62 18.21
N GLU A 172 9.33 21.95 17.50
CA GLU A 172 7.98 21.64 17.92
C GLU A 172 7.24 21.12 16.70
N ALA A 173 6.34 20.18 16.93
CA ALA A 173 5.50 19.62 15.88
C ALA A 173 4.13 20.32 15.83
N VAL A 174 3.51 20.25 14.66
CA VAL A 174 2.09 20.56 14.51
C VAL A 174 1.29 19.28 14.77
N THR A 175 0.34 19.33 15.70
CA THR A 175 -0.43 18.15 16.07
C THR A 175 -1.80 18.60 16.57
N ILE A 176 -2.63 17.63 17.00
CA ILE A 176 -3.93 17.90 17.62
C ILE A 176 -3.94 17.19 18.97
N PRO A 177 -4.70 17.65 19.96
CA PRO A 177 -4.70 16.95 21.26
C PRO A 177 -5.32 15.55 21.14
N ALA A 178 -4.85 14.65 22.00
CA ALA A 178 -5.21 13.24 21.90
C ALA A 178 -6.71 12.95 22.00
N ASP A 179 -7.51 13.93 22.43
CA ASP A 179 -8.95 13.73 22.59
C ASP A 179 -9.79 14.42 21.51
N VAL A 180 -9.17 15.07 20.53
CA VAL A 180 -9.89 15.73 19.45
C VAL A 180 -10.23 14.70 18.36
N PRO A 181 -11.50 14.54 18.02
CA PRO A 181 -11.88 13.63 16.92
C PRO A 181 -11.38 14.16 15.59
N TYR A 182 -11.38 13.26 14.59
CA TYR A 182 -10.87 13.63 13.28
C TYR A 182 -11.65 14.80 12.68
N GLU A 183 -12.95 14.88 12.94
CA GLU A 183 -13.73 15.90 12.25
C GLU A 183 -13.54 17.31 12.81
N GLN A 184 -12.83 17.47 13.92
CA GLN A 184 -12.45 18.80 14.38
C GLN A 184 -10.95 19.05 14.24
N SER A 185 -10.21 18.10 13.66
CA SER A 185 -8.74 18.14 13.71
C SER A 185 -8.18 19.41 13.07
N LEU A 186 -8.68 19.78 11.89
CA LEU A 186 -8.14 20.97 11.25
C LEU A 186 -8.38 22.22 12.07
N HIS A 187 -9.48 22.24 12.81
CA HIS A 187 -9.78 23.42 13.60
C HIS A 187 -9.10 23.44 14.96
N LYS A 188 -8.35 22.40 15.33
CA LYS A 188 -7.77 22.37 16.67
C LYS A 188 -6.29 22.02 16.66
N GLU A 189 -5.59 22.32 15.57
CA GLU A 189 -4.18 22.02 15.53
C GLU A 189 -3.41 22.88 16.54
N ILE A 190 -2.47 22.25 17.24
CA ILE A 190 -1.64 22.89 18.23
C ILE A 190 -0.18 22.60 17.88
N GLU A 191 0.72 23.29 18.58
CA GLU A 191 2.14 22.99 18.54
C GLU A 191 2.57 22.20 19.77
N LYS A 192 3.61 21.38 19.62
CA LYS A 192 4.05 20.61 20.78
C LYS A 192 5.53 20.25 20.63
N PRO A 193 6.36 20.53 21.65
CA PRO A 193 7.79 20.31 21.50
C PRO A 193 8.14 18.85 21.30
N ILE A 194 9.18 18.62 20.50
CA ILE A 194 9.86 17.34 20.41
C ILE A 194 11.14 17.44 21.22
N VAL A 195 11.24 16.67 22.29
CA VAL A 195 12.43 16.70 23.14
C VAL A 195 13.03 15.30 23.20
N PHE A 196 14.33 15.25 23.46
CA PHE A 196 15.07 14.01 23.59
C PHE A 196 15.40 13.81 25.07
N LYS A 197 14.96 12.71 25.66
CA LYS A 197 15.23 12.40 27.05
C LYS A 197 15.77 10.96 27.22
N ASP A 198 16.36 10.71 28.39
CA ASP A 198 16.76 9.36 28.80
C ASP A 198 15.53 8.58 29.24
N VAL A 199 14.76 8.13 28.26
CA VAL A 199 13.57 7.32 28.52
C VAL A 199 13.72 6.01 27.76
N PRO A 200 13.10 4.92 28.21
CA PRO A 200 13.31 3.64 27.52
C PRO A 200 12.70 3.59 26.12
N LEU A 201 11.48 4.09 25.94
CA LEU A 201 10.67 4.04 24.73
C LEU A 201 10.16 5.41 24.33
N PRO A 202 9.79 5.59 23.07
CA PRO A 202 9.10 6.84 22.69
C PRO A 202 7.81 6.99 23.46
N ILE A 203 7.60 8.17 24.02
CA ILE A 203 6.46 8.44 24.87
C ILE A 203 5.95 9.83 24.56
N GLU A 204 4.65 10.02 24.75
CA GLU A 204 4.03 11.33 24.60
C GLU A 204 3.32 11.68 25.90
N THR A 205 3.59 12.84 26.42
CA THR A 205 2.87 13.34 27.56
C THR A 205 1.94 14.44 27.08
N ASP A 206 1.18 15.01 28.02
CA ASP A 206 0.36 16.18 27.67
C ASP A 206 1.22 17.36 27.24
N ASP A 207 2.46 17.43 27.73
CA ASP A 207 3.40 18.51 27.45
C ASP A 207 4.36 18.25 26.30
N GLU A 208 4.82 17.02 26.11
CA GLU A 208 5.95 16.80 25.23
C GLU A 208 5.79 15.53 24.43
N LEU A 209 6.31 15.58 23.21
CA LEU A 209 6.67 14.41 22.43
C LEU A 209 8.13 14.07 22.73
N ILE A 210 8.38 12.90 23.30
CA ILE A 210 9.70 12.57 23.84
C ILE A 210 10.30 11.41 23.06
N ILE A 211 11.41 11.72 22.39
CA ILE A 211 12.20 10.73 21.64
C ILE A 211 13.32 10.28 22.57
N PRO A 212 13.53 8.98 22.75
CA PRO A 212 14.62 8.52 23.63
C PRO A 212 15.97 8.97 23.11
N ASN A 213 16.91 9.21 24.04
CA ASN A 213 18.27 9.49 23.63
C ASN A 213 18.92 8.30 22.94
N THR A 214 18.40 7.09 23.16
CA THR A 214 18.91 5.91 22.45
C THR A 214 18.48 5.86 20.99
N CYS A 215 17.57 6.71 20.54
CA CYS A 215 17.09 6.69 19.15
C CYS A 215 18.18 7.19 18.20
N GLU A 216 19.00 6.28 17.72
CA GLU A 216 20.26 6.66 17.11
C GLU A 216 20.19 6.79 15.58
N ASN A 217 19.31 6.06 14.91
CA ASN A 217 19.30 6.07 13.45
C ASN A 217 17.95 6.47 12.88
N VAL A 218 18.01 6.92 11.63
CA VAL A 218 16.83 7.21 10.83
C VAL A 218 16.99 6.40 9.56
N ILE A 219 15.89 5.79 9.14
CA ILE A 219 15.83 5.03 7.91
C ILE A 219 15.00 5.86 6.96
N VAL A 220 15.57 6.21 5.81
CA VAL A 220 14.93 7.07 4.83
C VAL A 220 14.54 6.23 3.62
N ALA A 221 13.30 6.39 3.18
CA ALA A 221 12.78 5.66 2.03
C ALA A 221 12.39 6.65 0.94
N GLY A 222 12.79 6.32 -0.29
CA GLY A 222 12.31 7.02 -1.48
C GLY A 222 11.19 6.22 -2.12
N ILE A 223 10.10 6.91 -2.41
CA ILE A 223 8.90 6.32 -3.01
C ILE A 223 8.75 6.91 -4.41
N ALA A 224 9.03 6.11 -5.44
CA ALA A 224 9.12 6.65 -6.80
C ALA A 224 7.78 7.08 -7.33
N MET A 225 7.70 8.31 -7.85
CA MET A 225 6.54 8.76 -8.59
C MET A 225 6.63 8.38 -10.07
N ASN A 226 5.53 8.59 -10.78
CA ASN A 226 5.42 8.20 -12.17
C ASN A 226 5.77 9.38 -13.06
N ARG A 227 6.71 9.16 -14.00
CA ARG A 227 7.20 10.30 -14.78
C ARG A 227 6.14 10.83 -15.77
N GLU A 228 5.38 9.94 -16.43
CA GLU A 228 4.38 10.41 -17.40
C GLU A 228 3.36 11.34 -16.72
N MET A 229 2.88 10.95 -15.54
CA MET A 229 1.88 11.76 -14.84
C MET A 229 2.50 13.05 -14.31
N MET A 230 3.73 12.97 -13.79
CA MET A 230 4.37 14.18 -13.26
C MET A 230 4.74 15.14 -14.38
N GLN A 231 5.07 14.63 -15.57
N GLN A 231 5.05 14.63 -15.57
CA GLN A 231 5.37 15.52 -16.69
CA GLN A 231 5.36 15.50 -16.70
C GLN A 231 4.17 16.36 -17.11
C GLN A 231 4.15 16.30 -17.18
N THR A 232 2.97 16.08 -16.61
CA THR A 232 1.79 16.90 -16.88
C THR A 232 1.68 18.08 -15.93
N ALA A 233 2.65 18.27 -15.04
CA ALA A 233 2.59 19.39 -14.07
C ALA A 233 2.46 20.70 -14.83
N PRO A 234 1.67 21.68 -14.29
CA PRO A 234 0.99 21.66 -12.99
C PRO A 234 -0.44 21.11 -12.99
N ASN A 235 -0.78 20.18 -13.90
CA ASN A 235 -2.17 19.75 -14.09
C ASN A 235 -2.49 18.52 -13.23
N SER A 236 -3.68 17.93 -13.47
CA SER A 236 -4.30 17.06 -12.48
C SER A 236 -3.56 15.74 -12.30
N MET A 237 -2.99 15.18 -13.38
CA MET A 237 -2.37 13.87 -13.22
C MET A 237 -1.04 13.96 -12.49
N ALA A 238 -0.40 15.13 -12.48
CA ALA A 238 0.72 15.34 -11.57
C ALA A 238 0.24 15.32 -10.12
N CYS A 239 -0.97 15.82 -9.85
CA CYS A 239 -1.52 15.70 -8.50
C CYS A 239 -1.77 14.26 -8.13
N ALA A 240 -2.17 13.45 -9.11
CA ALA A 240 -2.53 12.06 -8.84
C ALA A 240 -1.32 11.22 -8.45
N THR A 241 -0.22 11.26 -9.23
CA THR A 241 0.95 10.48 -8.87
C THR A 241 1.49 10.91 -7.49
N THR A 242 1.36 12.21 -7.18
CA THR A 242 1.71 12.71 -5.85
C THR A 242 0.88 12.09 -4.76
N ALA A 243 -0.45 12.15 -4.91
CA ALA A 243 -1.35 11.68 -3.87
C ALA A 243 -1.18 10.20 -3.62
N PHE A 244 -1.02 9.42 -4.70
CA PHE A 244 -0.88 7.98 -4.55
C PHE A 244 0.38 7.60 -3.75
N CYS A 245 1.46 8.40 -3.91
CA CYS A 245 2.73 8.09 -3.22
C CYS A 245 2.65 8.38 -1.74
N TYR A 246 1.83 9.38 -1.34
CA TYR A 246 1.60 9.70 0.06
C TYR A 246 0.98 8.53 0.81
N SER A 247 0.03 7.83 0.19
CA SER A 247 -0.49 6.61 0.81
C SER A 247 0.55 5.50 0.84
N ARG A 248 1.39 5.39 -0.20
CA ARG A 248 2.48 4.43 -0.17
C ARG A 248 3.49 4.74 0.94
N MET A 249 3.82 6.02 1.12
CA MET A 249 4.67 6.41 2.25
C MET A 249 4.11 5.89 3.56
N CYS A 250 2.77 6.00 3.72
CA CYS A 250 2.14 5.72 4.99
C CYS A 250 2.13 4.22 5.23
N MET A 251 1.83 3.43 4.19
N MET A 251 1.81 3.44 4.19
CA MET A 251 1.92 1.99 4.34
CA MET A 251 1.94 1.99 4.29
C MET A 251 3.36 1.56 4.60
C MET A 251 3.37 1.61 4.66
N PHE A 252 4.34 2.24 3.99
CA PHE A 252 5.73 1.96 4.27
C PHE A 252 6.04 2.16 5.74
N ASP A 253 5.73 3.35 6.29
CA ASP A 253 6.04 3.67 7.68
C ASP A 253 5.48 2.63 8.64
N MET A 254 4.23 2.20 8.42
CA MET A 254 3.62 1.26 9.35
C MET A 254 4.23 -0.13 9.21
N TRP A 255 4.27 -0.66 7.98
CA TRP A 255 4.98 -1.91 7.70
C TRP A 255 6.36 -1.95 8.35
N LEU A 256 7.18 -0.94 8.09
CA LEU A 256 8.55 -0.98 8.58
C LEU A 256 8.59 -0.84 10.09
N CYS A 257 7.71 -0.02 10.66
CA CYS A 257 7.70 0.19 12.10
C CYS A 257 7.28 -1.09 12.81
N GLN A 258 6.34 -1.82 12.22
CA GLN A 258 5.93 -3.08 12.79
C GLN A 258 7.06 -4.09 12.73
N PHE A 259 7.75 -4.16 11.57
CA PHE A 259 8.87 -5.09 11.46
C PHE A 259 9.92 -4.80 12.53
N ILE A 260 10.31 -3.54 12.69
CA ILE A 260 11.37 -3.22 13.64
C ILE A 260 10.96 -3.59 15.07
N ARG A 261 9.69 -3.33 15.43
CA ARG A 261 9.18 -3.67 16.76
C ARG A 261 9.15 -5.17 17.01
N TYR A 262 8.74 -5.95 16.00
CA TYR A 262 8.79 -7.40 16.05
C TYR A 262 10.21 -7.96 16.02
N MET A 263 11.20 -7.13 15.72
CA MET A 263 12.60 -7.52 15.87
C MET A 263 13.13 -7.16 17.25
N GLY A 264 12.27 -6.55 18.08
CA GLY A 264 12.61 -6.25 19.45
C GLY A 264 13.17 -4.88 19.67
N TYR A 265 12.94 -3.94 18.75
CA TYR A 265 13.34 -2.55 18.90
C TYR A 265 12.10 -1.67 18.81
N TYR A 266 12.30 -0.36 18.99
CA TYR A 266 11.21 0.59 18.81
C TYR A 266 11.41 1.41 17.54
N ALA A 267 10.31 1.89 16.99
CA ALA A 267 10.35 2.61 15.73
C ALA A 267 9.33 3.75 15.76
N ILE A 268 9.73 4.91 15.27
CA ILE A 268 8.89 6.09 15.18
C ILE A 268 8.57 6.38 13.73
N PRO A 269 7.29 6.30 13.30
CA PRO A 269 6.94 6.70 11.93
C PRO A 269 6.90 8.22 11.80
N SER A 270 6.79 8.69 10.55
CA SER A 270 6.77 10.17 10.43
C SER A 270 6.08 10.73 9.19
N CYS A 271 6.24 10.09 8.03
CA CYS A 271 5.82 10.68 6.76
C CYS A 271 6.32 12.13 6.65
N ASN A 272 5.42 13.12 6.51
CA ASN A 272 5.89 14.50 6.38
C ASN A 272 6.13 15.19 7.71
N GLY A 273 5.97 14.49 8.84
CA GLY A 273 6.16 15.07 10.15
C GLY A 273 7.53 14.80 10.74
N VAL A 274 7.64 15.16 12.03
CA VAL A 274 8.82 14.97 12.91
C VAL A 274 10.04 15.76 12.44
N GLY A 275 10.38 15.68 11.16
CA GLY A 275 11.59 16.34 10.71
C GLY A 275 11.61 16.55 9.21
N GLN A 276 12.72 17.15 8.75
CA GLN A 276 12.88 17.56 7.34
C GLN A 276 13.49 16.42 6.53
N SER A 277 12.70 15.90 5.59
CA SER A 277 13.06 14.69 4.87
C SER A 277 14.29 14.89 3.98
N VAL A 278 14.41 16.06 3.33
CA VAL A 278 15.50 16.25 2.37
C VAL A 278 16.85 16.13 3.06
N ALA A 279 16.95 16.72 4.25
CA ALA A 279 18.19 16.65 5.02
C ALA A 279 18.54 15.20 5.39
N PHE A 280 17.57 14.45 5.95
CA PHE A 280 17.77 13.03 6.25
C PHE A 280 18.16 12.24 5.00
N ALA A 281 17.42 12.40 3.91
CA ALA A 281 17.72 11.67 2.68
C ALA A 281 19.14 11.94 2.20
N VAL A 282 19.58 13.19 2.26
CA VAL A 282 20.94 13.48 1.82
C VAL A 282 21.95 12.78 2.72
N GLU A 283 21.73 12.84 4.04
CA GLU A 283 22.62 12.17 4.97
C GLU A 283 22.54 10.65 4.91
N ALA A 284 21.45 10.06 4.40
CA ALA A 284 21.35 8.61 4.27
C ALA A 284 21.79 8.10 2.89
N GLY A 285 22.36 8.96 2.06
CA GLY A 285 22.89 8.52 0.79
C GLY A 285 21.88 8.34 -0.32
N LEU A 286 20.68 8.91 -0.22
CA LEU A 286 19.75 8.75 -1.33
C LEU A 286 20.11 9.67 -2.48
N GLY A 287 20.68 10.84 -2.20
CA GLY A 287 20.99 11.79 -3.25
C GLY A 287 21.55 13.08 -2.70
N GLN A 288 21.39 14.14 -3.49
CA GLN A 288 21.94 15.44 -3.14
C GLN A 288 20.86 16.52 -3.15
N ALA A 289 21.05 17.54 -2.32
CA ALA A 289 20.18 18.71 -2.34
C ALA A 289 20.39 19.48 -3.64
N SER A 290 19.31 20.05 -4.15
CA SER A 290 19.27 20.71 -5.44
C SER A 290 18.88 22.18 -5.28
N ARG A 291 19.03 22.91 -6.37
CA ARG A 291 18.55 24.29 -6.39
C ARG A 291 17.06 24.37 -6.03
N MET A 292 16.22 23.53 -6.65
CA MET A 292 14.78 23.60 -6.34
C MET A 292 14.53 23.31 -4.87
N GLY A 293 15.43 22.56 -4.24
CA GLY A 293 15.42 22.25 -2.81
C GLY A 293 15.14 20.80 -2.51
N ALA A 294 14.76 20.02 -3.52
CA ALA A 294 14.51 18.60 -3.36
C ALA A 294 15.82 17.82 -3.29
N CYS A 295 15.73 16.61 -2.72
CA CYS A 295 16.78 15.61 -2.92
C CYS A 295 16.71 15.11 -4.35
N ILE A 296 17.79 15.27 -5.10
CA ILE A 296 17.89 14.66 -6.43
C ILE A 296 18.56 13.30 -6.25
N THR A 297 17.90 12.21 -6.73
CA THR A 297 18.43 10.84 -6.64
C THR A 297 18.92 10.36 -8.02
N PRO A 298 19.95 9.53 -8.04
CA PRO A 298 20.40 8.95 -9.32
C PRO A 298 19.32 8.20 -10.09
N GLU A 299 18.45 7.48 -9.40
CA GLU A 299 17.46 6.65 -10.07
C GLU A 299 16.30 7.46 -10.61
N PHE A 300 15.79 8.43 -9.85
CA PHE A 300 14.54 9.09 -10.21
C PHE A 300 14.67 10.59 -10.29
N GLY A 301 15.88 11.13 -10.15
CA GLY A 301 16.08 12.54 -9.87
C GLY A 301 15.23 13.00 -8.71
N PRO A 302 14.65 14.20 -8.87
CA PRO A 302 13.77 14.74 -7.83
C PRO A 302 12.39 14.08 -7.80
N ASN A 303 12.06 13.18 -8.75
CA ASN A 303 10.67 12.73 -8.89
C ASN A 303 10.44 11.45 -8.08
N VAL A 304 10.48 11.65 -6.77
CA VAL A 304 10.43 10.58 -5.79
C VAL A 304 10.00 11.22 -4.47
N ARG A 305 9.12 10.54 -3.74
CA ARG A 305 8.75 11.05 -2.43
C ARG A 305 9.63 10.43 -1.37
N LEU A 306 9.66 11.09 -0.22
CA LEU A 306 10.46 10.66 0.92
C LEU A 306 9.58 10.44 2.14
N THR A 307 9.91 9.37 2.88
CA THR A 307 9.42 9.18 4.23
C THR A 307 10.58 8.62 5.05
N LYS A 308 10.40 8.57 6.37
CA LYS A 308 11.51 8.17 7.21
C LYS A 308 11.00 7.54 8.50
N VAL A 309 11.81 6.65 9.07
CA VAL A 309 11.48 5.94 10.29
C VAL A 309 12.67 6.03 11.24
N PHE A 310 12.42 6.45 12.47
CA PHE A 310 13.47 6.61 13.49
C PHE A 310 13.51 5.41 14.43
N THR A 311 14.71 4.95 14.77
CA THR A 311 14.79 3.74 15.56
C THR A 311 16.13 3.61 16.31
N ASN A 312 16.11 2.79 17.36
CA ASN A 312 17.30 2.42 18.12
C ASN A 312 17.96 1.16 17.61
N MET A 313 17.39 0.52 16.62
CA MET A 313 17.97 -0.69 16.07
C MET A 313 19.39 -0.44 15.58
N PRO A 314 20.39 -1.15 16.10
CA PRO A 314 21.75 -0.98 15.57
C PRO A 314 21.76 -1.17 14.05
N LEU A 315 22.41 -0.24 13.35
CA LEU A 315 22.45 -0.25 11.89
C LEU A 315 23.81 0.28 11.44
N VAL A 316 24.12 -0.01 10.18
CA VAL A 316 25.30 0.53 9.51
C VAL A 316 24.87 1.74 8.71
N PRO A 317 25.40 2.94 8.98
CA PRO A 317 25.01 4.09 8.18
C PRO A 317 25.58 4.01 6.78
N ASP A 318 24.79 4.46 5.82
CA ASP A 318 25.22 4.57 4.43
C ASP A 318 26.12 5.79 4.25
N LYS A 319 26.96 5.71 3.24
CA LYS A 319 27.79 6.83 2.86
C LYS A 319 27.00 7.84 2.03
N PRO A 320 27.14 9.14 2.31
CA PRO A 320 26.56 10.14 1.40
C PRO A 320 27.18 10.03 0.02
N ILE A 321 26.39 10.37 -1.00
CA ILE A 321 26.78 10.16 -2.38
C ILE A 321 26.95 11.49 -3.09
N ASP A 322 27.89 11.52 -4.04
CA ASP A 322 28.19 12.68 -4.86
C ASP A 322 28.19 12.26 -6.32
N PHE A 323 27.24 12.80 -7.10
CA PHE A 323 27.29 12.56 -8.53
C PHE A 323 27.19 13.86 -9.31
N GLY A 324 27.64 14.97 -8.71
CA GLY A 324 27.78 16.23 -9.41
C GLY A 324 26.57 17.13 -9.38
N VAL A 325 25.54 16.83 -8.56
CA VAL A 325 24.35 17.66 -8.57
C VAL A 325 24.67 19.10 -8.19
N THR A 326 25.44 19.32 -7.13
CA THR A 326 25.72 20.70 -6.74
C THR A 326 26.28 21.49 -7.91
N GLU A 327 27.31 20.96 -8.57
CA GLU A 327 27.95 21.69 -9.66
C GLU A 327 27.02 21.86 -10.86
N PHE A 328 26.20 20.85 -11.13
CA PHE A 328 25.23 20.94 -12.20
C PHE A 328 24.20 22.05 -11.89
N CYS A 329 23.68 22.06 -10.67
CA CYS A 329 22.69 23.08 -10.30
C CYS A 329 23.30 24.48 -10.32
N GLU A 330 24.60 24.61 -10.09
CA GLU A 330 25.23 25.92 -10.18
C GLU A 330 25.10 26.51 -11.58
N THR A 331 25.11 25.67 -12.62
CA THR A 331 25.09 26.10 -14.01
C THR A 331 23.72 25.94 -14.69
N CYS A 332 22.69 25.49 -14.00
CA CYS A 332 21.52 25.04 -14.74
C CYS A 332 20.36 26.04 -14.72
N LYS A 333 19.74 26.26 -13.57
CA LYS A 333 18.68 27.26 -13.38
C LYS A 333 17.40 27.01 -14.19
N LYS A 334 17.14 25.79 -14.70
CA LYS A 334 15.95 25.65 -15.54
C LYS A 334 14.66 25.57 -14.71
N CYS A 335 14.69 24.90 -13.55
CA CYS A 335 13.56 24.99 -12.65
C CYS A 335 13.24 26.44 -12.28
N ALA A 336 14.26 27.25 -12.03
CA ALA A 336 14.03 28.63 -11.66
C ALA A 336 13.34 29.40 -12.77
N ARG A 337 13.71 29.11 -14.03
CA ARG A 337 13.15 29.88 -15.14
C ARG A 337 11.72 29.48 -15.44
N GLU A 338 11.39 28.20 -15.24
CA GLU A 338 10.06 27.70 -15.55
C GLU A 338 9.12 27.70 -14.36
N CYS A 339 9.61 28.02 -13.16
CA CYS A 339 8.75 28.15 -12.00
C CYS A 339 7.67 29.18 -12.25
N PRO A 340 6.38 28.81 -12.22
CA PRO A 340 5.32 29.79 -12.52
C PRO A 340 5.21 30.92 -11.49
N SER A 341 5.73 30.74 -10.27
CA SER A 341 5.68 31.77 -9.24
C SER A 341 7.03 32.44 -8.96
N LYS A 342 8.06 32.16 -9.76
CA LYS A 342 9.42 32.65 -9.52
C LYS A 342 9.88 32.43 -8.08
N ALA A 343 9.48 31.31 -7.47
CA ALA A 343 9.87 31.01 -6.09
C ALA A 343 11.32 30.57 -5.96
N ILE A 344 11.91 30.03 -7.03
CA ILE A 344 13.23 29.39 -6.98
C ILE A 344 14.29 30.42 -7.34
N THR A 345 15.30 30.55 -6.49
CA THR A 345 16.35 31.52 -6.70
C THR A 345 17.24 31.14 -7.91
N GLU A 346 17.62 32.16 -8.69
CA GLU A 346 18.62 31.98 -9.74
C GLU A 346 20.05 32.23 -9.25
N GLY A 347 20.24 32.54 -7.97
CA GLY A 347 21.54 32.94 -7.48
C GLY A 347 22.31 31.91 -6.68
N PRO A 348 23.37 32.35 -6.03
CA PRO A 348 24.21 31.43 -5.27
C PRO A 348 23.50 30.89 -4.03
N ARG A 349 24.02 29.78 -3.51
CA ARG A 349 23.60 29.29 -2.20
C ARG A 349 24.08 30.26 -1.12
N THR A 350 23.27 30.41 -0.06
CA THR A 350 23.61 31.25 1.10
C THR A 350 23.20 30.52 2.38
N PHE A 351 23.68 31.05 3.52
CA PHE A 351 23.39 30.53 4.85
C PHE A 351 22.19 31.20 5.49
N GLU A 352 21.65 32.25 4.88
CA GLU A 352 20.63 33.07 5.52
C GLU A 352 19.30 32.85 4.80
N GLY A 353 18.34 32.28 5.52
CA GLY A 353 17.03 32.05 4.98
C GLY A 353 16.38 33.24 4.31
N ARG A 354 15.54 32.97 3.31
CA ARG A 354 14.89 34.01 2.53
C ARG A 354 13.66 34.59 3.23
N SER A 355 12.97 33.78 4.04
CA SER A 355 11.88 34.25 4.90
C SER A 355 11.70 33.26 6.04
N ILE A 356 10.63 33.46 6.82
CA ILE A 356 10.33 32.62 7.98
C ILE A 356 10.31 31.13 7.58
N HIS A 357 9.95 30.84 6.33
CA HIS A 357 9.71 29.46 5.92
C HIS A 357 10.99 28.65 5.75
N ASN A 358 12.14 29.32 5.57
CA ASN A 358 13.43 28.65 5.46
C ASN A 358 14.12 28.55 6.81
N GLN A 359 14.85 27.45 7.00
CA GLN A 359 15.66 27.29 8.21
C GLN A 359 17.05 27.86 7.90
N SER A 360 17.41 28.88 8.64
CA SER A 360 18.71 29.52 8.47
C SER A 360 19.80 28.72 9.17
N GLY A 361 21.03 28.91 8.69
CA GLY A 361 22.20 28.30 9.26
C GLY A 361 22.78 27.14 8.46
N LYS A 362 22.14 26.75 7.38
CA LYS A 362 22.64 25.67 6.53
C LYS A 362 22.76 26.20 5.11
N LEU A 363 23.89 25.89 4.47
CA LEU A 363 24.15 26.37 3.12
C LEU A 363 23.25 25.65 2.14
N GLN A 364 22.38 26.42 1.47
CA GLN A 364 21.40 25.92 0.51
C GLN A 364 21.03 27.07 -0.42
N TRP A 365 20.43 26.72 -1.55
CA TRP A 365 19.67 27.67 -2.36
C TRP A 365 18.39 28.02 -1.62
N GLN A 366 18.27 29.29 -1.24
CA GLN A 366 17.14 29.76 -0.45
C GLN A 366 16.03 30.18 -1.40
N ASN A 367 14.89 29.48 -1.37
CA ASN A 367 13.73 29.76 -2.21
C ASN A 367 12.56 30.32 -1.41
N ASP A 368 11.69 31.07 -2.09
CA ASP A 368 10.54 31.72 -1.46
C ASP A 368 9.31 30.82 -1.52
N TYR A 369 9.09 30.05 -0.46
CA TYR A 369 8.06 29.01 -0.48
C TYR A 369 6.65 29.55 -0.28
N ASN A 370 6.50 30.79 0.19
CA ASN A 370 5.18 31.39 0.13
C ASN A 370 4.79 31.67 -1.32
N LYS A 371 5.76 32.06 -2.15
CA LYS A 371 5.42 32.24 -3.56
C LYS A 371 5.04 30.91 -4.19
N CYS A 372 5.74 29.83 -3.84
CA CYS A 372 5.38 28.52 -4.37
C CYS A 372 3.93 28.17 -3.99
N LEU A 373 3.64 28.15 -2.69
CA LEU A 373 2.28 27.83 -2.23
C LEU A 373 1.25 28.74 -2.88
N GLY A 374 1.61 30.01 -3.11
CA GLY A 374 0.71 30.93 -3.78
C GLY A 374 0.23 30.45 -5.14
N TYR A 375 1.02 29.64 -5.83
CA TYR A 375 0.57 29.18 -7.13
C TYR A 375 -0.36 27.96 -7.05
N TRP A 376 -0.48 27.31 -5.90
CA TRP A 376 -1.32 26.11 -5.82
C TRP A 376 -2.81 26.42 -5.89
N PRO A 377 -3.36 27.39 -5.14
CA PRO A 377 -4.79 27.71 -5.32
C PRO A 377 -5.12 28.23 -6.69
N GLU A 378 -4.14 28.89 -7.34
CA GLU A 378 -4.38 29.48 -8.64
C GLU A 378 -4.47 28.40 -9.71
N SER A 379 -3.57 27.42 -9.66
CA SER A 379 -3.52 26.30 -10.59
C SER A 379 -4.42 25.14 -10.20
N GLY A 380 -4.92 25.11 -8.97
CA GLY A 380 -5.76 24.02 -8.50
C GLY A 380 -5.05 22.69 -8.34
N GLY A 381 -3.78 22.72 -7.93
CA GLY A 381 -2.98 21.53 -7.83
C GLY A 381 -1.75 21.70 -6.94
N TYR A 382 -0.82 20.77 -7.07
CA TYR A 382 0.41 20.77 -6.28
C TYR A 382 1.61 21.12 -7.15
N CYS A 383 1.36 21.78 -8.27
CA CYS A 383 2.35 22.18 -9.28
C CYS A 383 3.36 21.09 -9.59
N GLY A 384 4.61 21.23 -9.14
CA GLY A 384 5.61 20.24 -9.48
C GLY A 384 6.26 20.45 -10.82
N VAL A 385 6.13 21.65 -11.40
CA VAL A 385 6.76 21.99 -12.67
C VAL A 385 8.28 21.86 -12.57
N CYS A 386 8.85 22.17 -11.40
CA CYS A 386 10.30 22.09 -11.23
C CYS A 386 10.78 20.66 -11.34
N VAL A 387 10.08 19.74 -10.68
CA VAL A 387 10.41 18.31 -10.80
C VAL A 387 10.30 17.86 -12.26
N ALA A 388 9.26 18.31 -12.98
CA ALA A 388 9.03 17.81 -14.34
C ALA A 388 10.11 18.30 -15.31
N VAL A 389 10.57 19.54 -15.15
CA VAL A 389 11.56 20.10 -16.07
C VAL A 389 12.99 19.79 -15.63
N CYS A 390 13.18 19.31 -14.41
CA CYS A 390 14.53 18.99 -13.95
C CYS A 390 15.19 17.95 -14.86
N PRO A 391 16.41 18.18 -15.33
CA PRO A 391 17.05 17.18 -16.22
C PRO A 391 17.33 15.85 -15.56
N PHE A 392 17.41 15.79 -14.23
CA PHE A 392 17.58 14.53 -13.53
C PHE A 392 16.31 13.71 -13.48
N THR A 393 15.16 14.29 -13.80
CA THR A 393 13.91 13.54 -13.77
C THR A 393 13.79 12.60 -14.97
N LYS A 394 14.36 12.97 -16.12
CA LYS A 394 14.26 12.10 -17.29
C LYS A 394 15.30 10.99 -17.27
N ASN A 431 0.02 15.35 -23.52
CA ASN A 431 -1.26 15.79 -22.98
C ASN A 431 -1.88 14.67 -22.17
N ILE A 432 -2.90 15.04 -21.40
CA ILE A 432 -3.44 14.15 -20.36
C ILE A 432 -4.20 12.97 -20.96
N THR A 433 -4.89 13.14 -22.11
CA THR A 433 -5.55 12.00 -22.77
C THR A 433 -4.54 10.92 -23.12
N GLU A 434 -3.38 11.31 -23.66
CA GLU A 434 -2.35 10.34 -24.01
C GLU A 434 -1.86 9.57 -22.79
N VAL A 435 -1.80 10.22 -21.63
CA VAL A 435 -1.42 9.54 -20.38
C VAL A 435 -2.42 8.44 -20.06
N TRP A 436 -3.70 8.83 -19.96
CA TRP A 436 -4.77 7.89 -19.66
C TRP A 436 -4.77 6.73 -20.66
N ASP A 437 -4.45 7.01 -21.91
CA ASP A 437 -4.47 5.99 -22.95
C ASP A 437 -3.12 5.31 -23.15
N GLY A 438 -2.11 5.64 -22.31
CA GLY A 438 -0.74 5.26 -22.55
C GLY A 438 -0.20 4.25 -21.55
N LYS A 439 1.12 4.24 -21.41
CA LYS A 439 1.78 3.21 -20.64
C LYS A 439 1.51 3.38 -19.15
N ILE A 440 1.25 2.25 -18.48
CA ILE A 440 1.14 2.22 -17.03
C ILE A 440 1.53 0.80 -16.58
N ASN A 441 1.89 0.67 -15.32
CA ASN A 441 2.30 -0.60 -14.74
C ASN A 441 2.06 -0.50 -13.24
N THR A 442 2.33 -1.59 -12.51
CA THR A 442 1.91 -1.64 -11.12
C THR A 442 2.52 -0.48 -10.32
N TYR A 443 1.68 0.20 -9.53
CA TYR A 443 2.08 1.33 -8.69
C TYR A 443 2.68 2.50 -9.50
N GLY A 444 2.45 2.52 -10.81
CA GLY A 444 3.03 3.53 -11.65
C GLY A 444 4.53 3.39 -11.86
N LEU A 445 5.13 2.27 -11.43
CA LEU A 445 6.55 2.01 -11.68
C LEU A 445 6.78 1.69 -13.16
N ASP A 446 8.01 1.94 -13.61
CA ASP A 446 8.38 1.82 -15.03
C ASP A 446 9.21 0.56 -15.24
N ALA A 447 8.66 -0.39 -16.01
CA ALA A 447 9.42 -1.61 -16.30
C ALA A 447 10.80 -1.28 -16.86
N ASP A 448 10.85 -0.36 -17.84
CA ASP A 448 12.10 0.05 -18.51
C ASP A 448 13.13 0.61 -17.55
N HIS A 449 12.77 0.83 -16.30
CA HIS A 449 13.65 1.41 -15.30
C HIS A 449 13.81 0.54 -14.06
N PHE A 450 12.87 -0.37 -13.79
CA PHE A 450 12.77 -1.10 -12.53
C PHE A 450 14.00 -1.97 -12.26
N ARG A 451 14.75 -2.36 -13.30
CA ARG A 451 16.00 -3.07 -13.11
C ARG A 451 16.97 -2.30 -12.20
N ASP A 452 16.92 -0.96 -12.25
CA ASP A 452 17.89 -0.16 -11.50
C ASP A 452 17.69 -0.23 -9.99
N THR A 453 16.53 -0.66 -9.49
CA THR A 453 16.33 -0.77 -8.05
C THR A 453 16.33 -2.22 -7.56
N VAL A 454 16.80 -3.16 -8.40
CA VAL A 454 17.11 -4.49 -7.91
C VAL A 454 18.18 -4.39 -6.82
N SER A 455 18.07 -5.24 -5.80
CA SER A 455 18.93 -5.15 -4.64
C SER A 455 19.37 -6.55 -4.23
N PHE A 456 20.67 -6.71 -4.04
CA PHE A 456 21.27 -7.87 -3.41
C PHE A 456 21.93 -7.43 -2.12
N ARG A 457 22.26 -8.41 -1.27
CA ARG A 457 22.83 -8.04 0.01
C ARG A 457 24.04 -7.12 -0.16
N LYS A 458 24.81 -7.31 -1.25
CA LYS A 458 25.96 -6.45 -1.51
C LYS A 458 25.56 -4.97 -1.66
N ASP A 459 24.30 -4.68 -2.05
CA ASP A 459 23.80 -3.31 -2.18
C ASP A 459 23.13 -2.79 -0.92
N ARG A 460 22.75 -3.69 -0.01
CA ARG A 460 22.09 -3.30 1.23
C ARG A 460 23.07 -2.99 2.34
N VAL A 461 24.19 -3.73 2.43
CA VAL A 461 25.13 -3.53 3.53
C VAL A 461 26.50 -4.00 3.07
N LYS A 462 27.55 -3.28 3.48
CA LYS A 462 28.91 -3.63 3.09
C LYS A 462 29.79 -3.95 4.30
N ILE B 10 -0.13 -12.87 -26.06
CA ILE B 10 -0.54 -14.18 -25.52
C ILE B 10 -1.98 -14.16 -25.07
N ARG B 11 -2.36 -13.15 -24.28
CA ARG B 11 -3.71 -13.13 -23.73
C ARG B 11 -4.77 -13.02 -24.82
N GLN B 12 -4.47 -12.30 -25.90
CA GLN B 12 -5.44 -12.18 -26.98
C GLN B 12 -5.53 -13.46 -27.80
N GLN B 13 -4.41 -14.18 -27.95
CA GLN B 13 -4.41 -15.44 -28.69
C GLN B 13 -5.33 -16.49 -28.05
N PHE B 14 -5.59 -16.39 -26.75
CA PHE B 14 -6.27 -17.43 -25.99
C PHE B 14 -7.63 -16.98 -25.47
N ALA B 15 -8.13 -15.82 -25.92
CA ALA B 15 -9.45 -15.36 -25.53
C ALA B 15 -10.52 -16.33 -26.00
N MET B 16 -11.39 -16.74 -25.09
CA MET B 16 -12.57 -17.50 -25.42
C MET B 16 -13.67 -16.56 -25.91
N THR B 17 -14.76 -17.16 -26.39
CA THR B 17 -15.96 -16.36 -26.58
C THR B 17 -16.64 -16.13 -25.22
N ALA B 18 -17.60 -15.20 -25.19
CA ALA B 18 -18.22 -14.79 -23.94
C ALA B 18 -18.98 -15.95 -23.28
N GLY B 19 -19.40 -15.71 -22.05
CA GLY B 19 -20.12 -16.70 -21.25
C GLY B 19 -19.20 -17.27 -20.19
N SER B 20 -19.75 -17.50 -19.00
CA SER B 20 -18.96 -18.00 -17.89
C SER B 20 -18.33 -19.35 -18.26
N PRO B 21 -17.02 -19.51 -18.12
CA PRO B 21 -16.41 -20.82 -18.40
C PRO B 21 -16.74 -21.89 -17.35
N ILE B 22 -17.29 -21.52 -16.19
CA ILE B 22 -17.55 -22.47 -15.11
C ILE B 22 -18.81 -23.27 -15.40
N ILE B 23 -18.68 -24.59 -15.46
CA ILE B 23 -19.80 -25.47 -15.77
C ILE B 23 -20.53 -25.82 -14.47
N VAL B 24 -21.86 -25.69 -14.48
CA VAL B 24 -22.68 -25.89 -13.30
C VAL B 24 -23.83 -26.84 -13.63
N ASN B 25 -24.54 -27.29 -12.57
CA ASN B 25 -25.79 -28.05 -12.71
C ASN B 25 -26.86 -27.43 -11.81
N ASP B 26 -28.09 -27.99 -11.90
CA ASP B 26 -29.25 -27.41 -11.20
C ASP B 26 -29.16 -27.59 -9.67
N LYS B 27 -28.15 -28.27 -9.16
CA LYS B 27 -27.94 -28.33 -7.72
C LYS B 27 -27.32 -27.04 -7.17
N LEU B 28 -26.40 -26.40 -7.89
CA LEU B 28 -25.67 -25.23 -7.36
C LEU B 28 -26.57 -24.30 -6.53
N GLU B 29 -26.14 -24.05 -5.30
CA GLU B 29 -26.74 -23.02 -4.45
C GLU B 29 -25.64 -22.09 -3.98
N ARG B 30 -26.03 -20.90 -3.55
CA ARG B 30 -25.03 -20.01 -2.99
C ARG B 30 -24.51 -20.59 -1.67
N TYR B 31 -23.31 -20.17 -1.29
CA TYR B 31 -22.52 -20.81 -0.26
C TYR B 31 -22.43 -19.89 0.95
N ALA B 32 -22.73 -20.42 2.13
CA ALA B 32 -22.55 -19.65 3.36
C ALA B 32 -21.06 -19.57 3.69
N GLU B 33 -20.55 -18.35 3.94
CA GLU B 33 -19.13 -18.17 4.17
C GLU B 33 -18.65 -19.00 5.37
N VAL B 34 -19.51 -19.17 6.38
CA VAL B 34 -19.12 -19.85 7.61
C VAL B 34 -18.65 -21.29 7.38
N ARG B 35 -18.90 -21.85 6.19
CA ARG B 35 -18.52 -23.22 5.88
C ARG B 35 -17.05 -23.40 5.53
N THR B 36 -16.31 -22.31 5.28
CA THR B 36 -14.89 -22.46 4.99
C THR B 36 -14.20 -23.11 6.17
N ALA B 37 -13.11 -23.82 5.89
CA ALA B 37 -12.42 -24.58 6.93
C ALA B 37 -11.94 -23.68 8.07
N PHE B 38 -11.64 -22.40 7.79
CA PHE B 38 -11.25 -21.45 8.83
C PHE B 38 -12.33 -21.28 9.88
N THR B 39 -13.60 -21.18 9.45
CA THR B 39 -14.68 -20.67 10.28
C THR B 39 -15.62 -21.75 10.83
N HIS B 40 -15.73 -22.89 10.15
CA HIS B 40 -16.74 -23.87 10.50
C HIS B 40 -16.45 -24.51 11.85
N PRO B 41 -17.46 -24.73 12.68
CA PRO B 41 -17.21 -25.22 14.04
C PRO B 41 -16.47 -26.54 14.11
N THR B 42 -16.53 -27.35 13.06
CA THR B 42 -15.95 -28.68 13.08
C THR B 42 -14.52 -28.70 12.58
N SER B 43 -14.05 -27.65 11.92
CA SER B 43 -12.67 -27.60 11.47
C SER B 43 -11.86 -26.52 12.16
N PHE B 44 -12.53 -25.62 12.90
CA PHE B 44 -11.91 -24.44 13.47
C PHE B 44 -10.85 -24.81 14.49
N PHE B 45 -11.11 -25.85 15.27
CA PHE B 45 -10.17 -26.29 16.29
C PHE B 45 -9.17 -27.30 15.73
N LYS B 46 -7.90 -27.11 16.09
CA LYS B 46 -6.81 -27.98 15.68
C LYS B 46 -5.85 -28.12 16.84
N PRO B 47 -5.22 -29.28 16.95
CA PRO B 47 -4.21 -29.48 18.02
C PRO B 47 -2.92 -28.74 17.74
N ASN B 48 -2.28 -28.27 18.81
CA ASN B 48 -0.91 -27.76 18.72
C ASN B 48 0.08 -28.92 18.88
N TYR B 49 1.37 -28.62 18.82
CA TYR B 49 2.34 -29.72 18.81
C TYR B 49 2.34 -30.48 20.14
N LYS B 50 1.91 -29.84 21.24
CA LYS B 50 1.77 -30.50 22.53
C LYS B 50 0.52 -31.37 22.62
N GLY B 51 -0.36 -31.33 21.62
CA GLY B 51 -1.58 -32.10 21.65
C GLY B 51 -2.79 -31.38 22.18
N GLU B 52 -2.65 -30.12 22.61
CA GLU B 52 -3.76 -29.31 23.10
C GLU B 52 -4.61 -28.77 21.95
N VAL B 53 -5.92 -28.91 22.07
CA VAL B 53 -6.86 -28.44 21.06
C VAL B 53 -7.10 -26.94 21.25
N LYS B 54 -6.80 -26.14 20.21
CA LYS B 54 -7.02 -24.69 20.24
C LYS B 54 -7.60 -24.23 18.91
N PRO B 55 -8.11 -23.00 18.83
CA PRO B 55 -8.36 -22.43 17.49
C PRO B 55 -7.12 -22.57 16.63
N TRP B 56 -7.35 -22.89 15.35
CA TRP B 56 -6.26 -23.28 14.46
C TRP B 56 -5.10 -22.28 14.48
N PHE B 57 -5.42 -20.97 14.47
CA PHE B 57 -4.40 -19.94 14.44
C PHE B 57 -3.64 -19.82 15.76
N LEU B 58 -4.25 -20.17 16.90
CA LEU B 58 -3.45 -20.13 18.12
C LEU B 58 -2.53 -21.35 18.23
N SER B 59 -2.95 -22.52 17.74
CA SER B 59 -2.03 -23.66 17.67
C SER B 59 -0.87 -23.37 16.72
N ALA B 60 -1.17 -22.74 15.58
CA ALA B 60 -0.12 -22.35 14.67
C ALA B 60 0.84 -21.35 15.32
N TYR B 61 0.30 -20.43 16.15
CA TYR B 61 1.12 -19.48 16.89
C TYR B 61 2.13 -20.20 17.77
N ASP B 62 1.66 -21.22 18.52
CA ASP B 62 2.54 -22.02 19.37
C ASP B 62 3.68 -22.62 18.57
N GLU B 63 3.37 -23.14 17.36
CA GLU B 63 4.42 -23.68 16.48
C GLU B 63 5.41 -22.58 16.07
N LYS B 64 4.91 -21.38 15.80
CA LYS B 64 5.79 -20.27 15.47
C LYS B 64 6.77 -19.97 16.61
N VAL B 65 6.26 -19.94 17.85
CA VAL B 65 7.09 -19.62 19.00
C VAL B 65 8.15 -20.70 19.18
N ARG B 66 7.73 -21.96 19.08
CA ARG B 66 8.64 -23.07 19.31
C ARG B 66 9.72 -23.10 18.23
N GLN B 67 9.35 -22.80 16.97
CA GLN B 67 10.35 -22.81 15.91
C GLN B 67 11.40 -21.71 16.13
N ILE B 68 10.97 -20.50 16.49
CA ILE B 68 11.91 -19.44 16.82
C ILE B 68 12.86 -19.89 17.92
N GLU B 69 12.29 -20.34 19.04
CA GLU B 69 13.06 -20.79 20.19
C GLU B 69 14.06 -21.88 19.81
N ASN B 70 13.75 -22.71 18.82
CA ASN B 70 14.64 -23.79 18.41
C ASN B 70 15.41 -23.47 17.16
N GLY B 71 15.46 -22.20 16.76
CA GLY B 71 16.20 -21.77 15.58
C GLY B 71 15.76 -22.39 14.27
N GLU B 72 14.46 -22.40 13.99
CA GLU B 72 13.95 -23.02 12.77
C GLU B 72 13.10 -22.03 11.98
N ASN B 73 13.04 -22.24 10.66
CA ASN B 73 12.28 -21.42 9.73
C ASN B 73 11.02 -22.12 9.24
N GLY B 74 10.78 -23.34 9.70
CA GLY B 74 9.63 -24.13 9.30
C GLY B 74 9.76 -25.46 9.99
N PRO B 75 8.84 -26.39 9.72
CA PRO B 75 8.83 -27.68 10.43
C PRO B 75 10.15 -28.44 10.32
N LYS B 76 10.92 -28.50 11.43
CA LYS B 76 12.26 -29.08 11.51
C LYS B 76 13.14 -28.70 10.31
N MET B 77 12.95 -27.47 9.84
CA MET B 77 13.87 -26.81 8.91
C MET B 77 14.71 -25.86 9.74
N LYS B 78 16.00 -26.17 9.90
CA LYS B 78 16.85 -25.35 10.76
C LYS B 78 17.12 -24.00 10.11
N ALA B 79 17.16 -22.96 10.93
CA ALA B 79 17.57 -21.65 10.46
C ALA B 79 19.07 -21.47 10.68
N LYS B 80 19.63 -20.43 10.07
CA LYS B 80 21.04 -20.18 10.30
C LYS B 80 21.30 -19.95 11.77
N ASN B 81 20.37 -19.29 12.44
CA ASN B 81 20.43 -19.13 13.88
C ASN B 81 19.06 -18.64 14.32
N VAL B 82 18.87 -18.60 15.64
CA VAL B 82 17.66 -18.04 16.23
C VAL B 82 17.32 -16.68 15.60
N GLY B 83 18.35 -15.87 15.31
CA GLY B 83 18.10 -14.55 14.75
C GLY B 83 17.40 -14.58 13.40
N GLU B 84 17.85 -15.44 12.50
CA GLU B 84 17.21 -15.57 11.20
C GLU B 84 15.79 -16.12 11.35
N ALA B 85 15.61 -17.09 12.26
CA ALA B 85 14.27 -17.60 12.53
C ALA B 85 13.34 -16.49 13.03
N ARG B 86 13.86 -15.66 13.94
CA ARG B 86 13.11 -14.54 14.47
C ARG B 86 12.77 -13.51 13.40
N ALA B 87 13.73 -13.18 12.54
CA ALA B 87 13.51 -12.20 11.47
C ALA B 87 12.37 -12.63 10.53
N GLY B 88 12.34 -13.92 10.15
CA GLY B 88 11.32 -14.38 9.23
C GLY B 88 9.91 -14.24 9.78
N ARG B 89 9.72 -14.52 11.07
CA ARG B 89 8.44 -14.31 11.73
C ARG B 89 8.14 -12.84 11.97
N ALA B 90 9.18 -12.03 12.21
CA ALA B 90 8.95 -10.60 12.30
C ALA B 90 8.46 -10.05 10.97
N LEU B 91 9.07 -10.47 9.86
CA LEU B 91 8.59 -10.05 8.54
C LEU B 91 7.16 -10.51 8.29
N GLU B 92 6.85 -11.77 8.63
CA GLU B 92 5.50 -12.31 8.46
C GLU B 92 4.47 -11.47 9.22
N ALA B 93 4.67 -11.32 10.52
CA ALA B 93 3.72 -10.55 11.33
C ALA B 93 3.53 -9.14 10.77
N ALA B 94 4.60 -8.50 10.29
CA ALA B 94 4.46 -7.10 9.88
C ALA B 94 3.70 -6.98 8.56
N GLY B 95 3.87 -7.96 7.66
CA GLY B 95 3.12 -7.94 6.42
C GLY B 95 1.63 -7.73 6.64
N TRP B 96 1.07 -8.38 7.65
CA TRP B 96 -0.37 -8.28 7.93
C TRP B 96 -0.83 -6.86 8.47
N THR B 97 0.00 -5.80 8.53
CA THR B 97 -0.38 -4.57 9.24
C THR B 97 -1.72 -3.98 8.81
N LEU B 98 -2.04 -3.99 7.51
CA LEU B 98 -3.28 -3.41 6.98
C LEU B 98 -4.34 -4.45 6.69
N ASP B 99 -4.43 -5.49 7.53
CA ASP B 99 -5.39 -6.57 7.32
C ASP B 99 -6.02 -6.95 8.66
N ILE B 100 -7.34 -7.11 8.68
CA ILE B 100 -8.06 -7.45 9.91
C ILE B 100 -8.38 -8.96 9.96
N ASN B 101 -7.82 -9.64 10.97
CA ASN B 101 -8.10 -11.05 11.33
C ASN B 101 -7.95 -12.00 10.14
N TYR B 102 -6.92 -11.78 9.33
CA TYR B 102 -6.53 -12.69 8.25
C TYR B 102 -7.57 -12.75 7.13
N GLY B 103 -7.70 -11.65 6.38
CA GLY B 103 -8.45 -11.63 5.16
C GLY B 103 -9.43 -10.48 4.97
N ASN B 104 -9.65 -9.67 6.01
CA ASN B 104 -10.65 -8.59 5.97
C ASN B 104 -12.03 -9.11 5.59
N ILE B 105 -12.47 -10.22 6.20
CA ILE B 105 -13.67 -10.83 5.66
C ILE B 105 -14.94 -10.15 6.14
N TYR B 106 -14.95 -9.50 7.31
CA TYR B 106 -16.24 -8.90 7.75
C TYR B 106 -16.64 -7.75 6.82
N PRO B 107 -17.78 -7.83 6.15
CA PRO B 107 -18.18 -6.74 5.25
C PRO B 107 -18.61 -5.50 6.03
N ASN B 108 -18.20 -4.36 5.51
CA ASN B 108 -18.61 -3.05 6.02
C ASN B 108 -18.07 -2.81 7.43
N ARG B 109 -16.85 -3.28 7.69
CA ARG B 109 -16.20 -3.07 8.96
C ARG B 109 -14.76 -2.66 8.69
N PHE B 110 -14.21 -1.84 9.57
CA PHE B 110 -12.80 -1.50 9.50
C PHE B 110 -12.46 -0.95 8.11
N PHE B 111 -11.62 -1.67 7.35
CA PHE B 111 -11.19 -1.21 6.03
C PHE B 111 -12.21 -1.47 4.93
N MET B 112 -13.11 -2.44 5.13
CA MET B 112 -14.04 -2.84 4.08
C MET B 112 -15.36 -2.05 4.10
N LEU B 113 -15.34 -0.74 4.32
CA LEU B 113 -16.60 -0.01 4.44
C LEU B 113 -17.32 0.05 3.09
N TRP B 114 -18.63 -0.26 3.10
CA TRP B 114 -19.43 -0.30 1.88
C TRP B 114 -19.78 1.09 1.34
N SER B 115 -19.64 2.11 2.18
CA SER B 115 -19.81 3.49 1.81
C SER B 115 -18.54 4.22 2.19
N GLY B 116 -18.24 5.29 1.46
CA GLY B 116 -17.09 6.12 1.73
C GLY B 116 -17.34 7.32 2.62
N GLU B 117 -18.60 7.58 3.00
CA GLU B 117 -18.92 8.87 3.61
C GLU B 117 -18.13 9.10 4.89
N THR B 118 -17.87 8.03 5.65
CA THR B 118 -17.23 8.11 6.96
C THR B 118 -15.70 8.25 6.90
N MET B 119 -15.07 7.85 5.80
CA MET B 119 -13.62 7.81 5.74
C MET B 119 -13.02 9.21 5.85
N THR B 120 -11.86 9.27 6.50
CA THR B 120 -11.15 10.55 6.67
C THR B 120 -10.82 11.20 5.32
N ASN B 121 -10.44 10.41 4.31
CA ASN B 121 -10.17 10.98 3.00
C ASN B 121 -11.42 11.62 2.40
N THR B 122 -12.56 10.95 2.49
CA THR B 122 -13.80 11.52 1.96
C THR B 122 -14.17 12.82 2.67
N GLN B 123 -13.91 12.91 3.98
CA GLN B 123 -14.23 14.12 4.72
C GLN B 123 -13.34 15.28 4.29
N LEU B 124 -12.04 15.01 4.15
CA LEU B 124 -11.08 16.03 3.72
C LEU B 124 -11.45 16.60 2.37
N TRP B 125 -11.94 15.77 1.47
CA TRP B 125 -12.26 16.16 0.11
C TRP B 125 -13.71 16.62 -0.05
N ALA B 126 -14.54 16.45 0.98
CA ALA B 126 -15.95 16.85 0.93
C ALA B 126 -16.20 18.14 0.17
N PRO B 127 -15.50 19.25 0.41
CA PRO B 127 -15.85 20.50 -0.30
C PRO B 127 -15.86 20.38 -1.82
N VAL B 128 -15.07 19.48 -2.40
CA VAL B 128 -15.10 19.35 -3.85
C VAL B 128 -16.31 18.56 -4.29
N GLY B 129 -16.81 17.68 -3.42
CA GLY B 129 -18.02 16.92 -3.64
C GLY B 129 -17.98 15.87 -4.72
N LEU B 130 -16.83 15.21 -4.92
CA LEU B 130 -16.70 14.31 -6.05
C LEU B 130 -17.70 13.15 -5.99
N ASP B 131 -18.09 12.75 -4.80
CA ASP B 131 -18.94 11.57 -4.66
C ASP B 131 -20.41 11.92 -4.54
N ARG B 132 -20.75 13.22 -4.61
CA ARG B 132 -22.12 13.66 -4.76
C ARG B 132 -22.41 14.08 -6.18
N ARG B 133 -21.38 14.40 -6.93
CA ARG B 133 -21.59 14.84 -8.28
C ARG B 133 -21.98 13.65 -9.12
N PRO B 134 -23.07 13.73 -9.88
CA PRO B 134 -23.45 12.63 -10.77
C PRO B 134 -22.33 12.33 -11.75
N PRO B 135 -22.26 11.12 -12.28
CA PRO B 135 -21.14 10.76 -13.15
C PRO B 135 -21.10 11.63 -14.40
N ASP B 136 -19.89 12.14 -14.72
CA ASP B 136 -19.65 12.85 -15.96
C ASP B 136 -19.29 11.92 -17.08
N THR B 137 -19.11 10.64 -16.81
CA THR B 137 -18.87 9.66 -17.86
C THR B 137 -19.79 8.48 -17.64
N THR B 138 -20.53 8.10 -18.67
CA THR B 138 -21.32 6.88 -18.59
C THR B 138 -20.96 5.87 -19.68
N ASP B 139 -20.15 6.26 -20.65
CA ASP B 139 -19.71 5.34 -21.67
C ASP B 139 -18.87 4.23 -21.04
N PRO B 140 -19.29 2.96 -21.14
CA PRO B 140 -18.56 1.89 -20.45
C PRO B 140 -17.14 1.66 -20.96
N VAL B 141 -16.86 1.95 -22.24
CA VAL B 141 -15.52 1.75 -22.77
C VAL B 141 -14.52 2.69 -22.11
N GLU B 142 -14.83 3.99 -22.10
CA GLU B 142 -13.98 4.97 -21.42
C GLU B 142 -13.82 4.65 -19.93
N LEU B 143 -14.89 4.21 -19.26
CA LEU B 143 -14.77 3.92 -17.84
C LEU B 143 -13.92 2.68 -17.60
N THR B 144 -14.01 1.67 -18.48
CA THR B 144 -13.15 0.50 -18.32
C THR B 144 -11.68 0.91 -18.36
N ASN B 145 -11.34 1.85 -19.26
CA ASN B 145 -9.97 2.30 -19.36
C ASN B 145 -9.55 3.15 -18.16
N TYR B 146 -10.46 3.98 -17.63
CA TYR B 146 -10.14 4.77 -16.44
C TYR B 146 -9.91 3.88 -15.22
N VAL B 147 -10.84 2.95 -14.96
CA VAL B 147 -10.77 2.18 -13.74
C VAL B 147 -9.63 1.17 -13.80
N LYS B 148 -9.30 0.65 -15.00
CA LYS B 148 -8.13 -0.21 -15.08
C LYS B 148 -6.85 0.58 -14.80
N PHE B 149 -6.72 1.77 -15.40
CA PHE B 149 -5.55 2.59 -15.13
C PHE B 149 -5.48 2.92 -13.65
N ALA B 150 -6.61 3.25 -13.05
CA ALA B 150 -6.66 3.43 -11.61
C ALA B 150 -6.25 2.15 -10.87
N ALA B 151 -6.75 0.98 -11.33
CA ALA B 151 -6.40 -0.29 -10.68
C ALA B 151 -4.90 -0.54 -10.68
N ARG B 152 -4.20 -0.25 -11.78
CA ARG B 152 -2.75 -0.45 -11.82
C ARG B 152 -2.03 0.50 -10.86
N MET B 153 -2.38 1.80 -10.89
CA MET B 153 -1.91 2.74 -9.87
C MET B 153 -2.14 2.21 -8.46
N ALA B 154 -3.21 1.43 -8.27
CA ALA B 154 -3.61 0.96 -6.94
C ALA B 154 -2.88 -0.31 -6.49
N GLY B 155 -1.91 -0.81 -7.26
CA GLY B 155 -1.15 -1.98 -6.86
C GLY B 155 -1.55 -3.30 -7.51
N ALA B 156 -2.58 -3.32 -8.36
CA ALA B 156 -2.86 -4.54 -9.11
C ALA B 156 -1.79 -4.77 -10.17
N ASP B 157 -1.32 -6.02 -10.25
CA ASP B 157 -0.48 -6.50 -11.34
C ASP B 157 -1.31 -6.99 -12.53
N LEU B 158 -2.55 -7.40 -12.26
CA LEU B 158 -3.49 -7.86 -13.27
C LEU B 158 -4.83 -7.36 -12.84
N VAL B 159 -5.65 -6.92 -13.81
CA VAL B 159 -6.99 -6.46 -13.51
C VAL B 159 -7.94 -6.90 -14.61
N GLY B 160 -9.08 -7.45 -14.21
CA GLY B 160 -10.09 -7.88 -15.16
C GLY B 160 -11.46 -7.42 -14.70
N VAL B 161 -12.40 -7.46 -15.64
CA VAL B 161 -13.78 -7.06 -15.40
C VAL B 161 -14.70 -8.20 -15.80
N ALA B 162 -15.69 -8.48 -14.96
CA ALA B 162 -16.70 -9.46 -15.34
C ALA B 162 -18.05 -8.99 -14.84
N ARG B 163 -19.10 -9.47 -15.51
CA ARG B 163 -20.45 -9.33 -14.98
C ARG B 163 -20.55 -10.12 -13.68
N LEU B 164 -21.14 -9.49 -12.67
CA LEU B 164 -21.21 -10.10 -11.33
C LEU B 164 -22.13 -11.31 -11.35
N ASN B 165 -21.55 -12.50 -11.06
CA ASN B 165 -22.31 -13.73 -11.02
C ASN B 165 -22.65 -14.02 -9.57
N ARG B 166 -23.94 -13.98 -9.23
CA ARG B 166 -24.29 -14.05 -7.83
C ARG B 166 -24.17 -15.45 -7.25
N ASN B 167 -23.97 -16.48 -8.08
CA ASN B 167 -23.67 -17.82 -7.58
C ASN B 167 -22.44 -17.81 -6.70
N TRP B 168 -21.50 -16.93 -6.97
CA TRP B 168 -20.24 -16.95 -6.26
C TRP B 168 -20.23 -15.99 -5.08
N VAL B 169 -21.32 -15.25 -4.88
CA VAL B 169 -21.47 -14.38 -3.73
C VAL B 169 -21.99 -15.22 -2.56
N TYR B 170 -21.24 -15.25 -1.45
CA TYR B 170 -21.69 -15.93 -0.24
C TYR B 170 -23.13 -15.56 0.09
N SER B 171 -23.91 -16.60 0.46
CA SER B 171 -25.29 -16.37 0.86
C SER B 171 -25.37 -15.66 2.20
N GLU B 172 -24.42 -15.93 3.10
CA GLU B 172 -24.32 -15.26 4.39
C GLU B 172 -22.84 -14.98 4.69
N ALA B 173 -22.58 -13.82 5.26
CA ALA B 173 -21.21 -13.42 5.57
C ALA B 173 -20.91 -13.67 7.04
N VAL B 174 -19.65 -14.01 7.34
CA VAL B 174 -19.15 -13.91 8.70
C VAL B 174 -18.81 -12.45 8.96
N THR B 175 -19.33 -11.89 10.04
CA THR B 175 -19.00 -10.50 10.38
C THR B 175 -19.07 -10.35 11.91
N ILE B 176 -19.03 -9.11 12.37
CA ILE B 176 -19.16 -8.81 13.79
C ILE B 176 -20.18 -7.69 13.92
N PRO B 177 -20.89 -7.58 15.04
CA PRO B 177 -21.78 -6.44 15.24
C PRO B 177 -21.00 -5.14 15.10
N ALA B 178 -21.67 -4.12 14.53
CA ALA B 178 -20.98 -2.89 14.18
C ALA B 178 -20.45 -2.11 15.38
N ASP B 179 -21.01 -2.31 16.57
CA ASP B 179 -20.50 -1.58 17.74
C ASP B 179 -19.55 -2.40 18.61
N VAL B 180 -18.95 -3.47 18.07
CA VAL B 180 -18.05 -4.32 18.87
C VAL B 180 -16.61 -3.83 18.71
N PRO B 181 -15.88 -3.57 19.80
CA PRO B 181 -14.49 -3.13 19.68
C PRO B 181 -13.59 -4.22 19.14
N TYR B 182 -12.46 -3.80 18.55
CA TYR B 182 -11.63 -4.76 17.81
C TYR B 182 -11.15 -5.89 18.72
N GLU B 183 -10.79 -5.58 19.96
CA GLU B 183 -10.28 -6.59 20.88
C GLU B 183 -11.26 -7.74 21.04
N GLN B 184 -12.57 -7.47 21.00
CA GLN B 184 -13.57 -8.51 21.14
C GLN B 184 -13.95 -9.22 19.83
N SER B 185 -13.42 -8.80 18.67
CA SER B 185 -14.01 -9.20 17.40
C SER B 185 -13.99 -10.72 17.19
N LEU B 186 -12.86 -11.38 17.48
CA LEU B 186 -12.77 -12.82 17.20
C LEU B 186 -13.72 -13.65 18.08
N HIS B 187 -14.16 -13.11 19.21
CA HIS B 187 -15.15 -13.82 20.03
C HIS B 187 -16.59 -13.43 19.73
N LYS B 188 -16.83 -12.52 18.78
CA LYS B 188 -18.18 -12.04 18.56
C LYS B 188 -18.51 -12.03 17.09
N GLU B 189 -18.00 -13.02 16.35
CA GLU B 189 -18.39 -13.21 14.97
C GLU B 189 -19.79 -13.81 14.89
N ILE B 190 -20.55 -13.33 13.92
CA ILE B 190 -21.91 -13.75 13.64
C ILE B 190 -22.05 -13.94 12.14
N GLU B 191 -23.14 -14.56 11.72
CA GLU B 191 -23.49 -14.62 10.31
C GLU B 191 -24.55 -13.56 10.01
N LYS B 192 -24.64 -13.19 8.73
CA LYS B 192 -25.54 -12.16 8.29
C LYS B 192 -25.80 -12.36 6.80
N PRO B 193 -27.05 -12.45 6.37
CA PRO B 193 -27.32 -12.74 4.94
C PRO B 193 -26.81 -11.63 4.04
N ILE B 194 -26.46 -12.00 2.80
CA ILE B 194 -26.15 -11.05 1.74
C ILE B 194 -27.24 -11.16 0.69
N VAL B 195 -28.09 -10.12 0.59
CA VAL B 195 -29.25 -10.15 -0.28
C VAL B 195 -29.14 -9.03 -1.31
N PHE B 196 -29.83 -9.24 -2.44
CA PHE B 196 -29.92 -8.27 -3.52
C PHE B 196 -31.33 -7.68 -3.56
N LYS B 197 -31.41 -6.35 -3.58
CA LYS B 197 -32.68 -5.64 -3.52
C LYS B 197 -32.60 -4.38 -4.38
N ASP B 198 -33.79 -3.86 -4.71
CA ASP B 198 -33.94 -2.63 -5.49
C ASP B 198 -33.78 -1.46 -4.55
N VAL B 199 -32.53 -1.17 -4.25
CA VAL B 199 -32.13 -0.06 -3.40
C VAL B 199 -31.16 0.75 -4.21
N PRO B 200 -30.99 2.04 -3.96
CA PRO B 200 -30.03 2.80 -4.79
C PRO B 200 -28.60 2.52 -4.43
N LEU B 201 -28.27 2.41 -3.15
CA LEU B 201 -26.90 2.30 -2.67
C LEU B 201 -26.70 0.99 -1.91
N PRO B 202 -25.47 0.54 -1.78
CA PRO B 202 -25.18 -0.54 -0.81
C PRO B 202 -25.56 -0.09 0.60
N ILE B 203 -26.22 -0.99 1.32
CA ILE B 203 -26.85 -0.63 2.57
C ILE B 203 -26.75 -1.81 3.52
N GLU B 204 -26.43 -1.54 4.79
CA GLU B 204 -26.48 -2.57 5.82
C GLU B 204 -27.55 -2.20 6.83
N THR B 205 -28.43 -3.15 7.11
CA THR B 205 -29.39 -3.05 8.20
C THR B 205 -28.96 -4.00 9.31
N ASP B 206 -29.72 -3.95 10.41
CA ASP B 206 -29.48 -4.89 11.50
C ASP B 206 -29.60 -6.34 11.05
N ASP B 207 -30.47 -6.61 10.06
CA ASP B 207 -30.67 -7.99 9.62
C ASP B 207 -29.97 -8.36 8.32
N GLU B 208 -29.58 -7.41 7.45
CA GLU B 208 -29.10 -7.81 6.14
C GLU B 208 -27.95 -6.93 5.66
N LEU B 209 -27.09 -7.55 4.86
CA LEU B 209 -26.17 -6.86 3.98
C LEU B 209 -26.83 -6.82 2.59
N ILE B 210 -27.20 -5.63 2.13
CA ILE B 210 -28.04 -5.45 0.94
C ILE B 210 -27.20 -4.82 -0.16
N ILE B 211 -26.92 -5.62 -1.18
CA ILE B 211 -26.27 -5.15 -2.41
C ILE B 211 -27.38 -4.77 -3.38
N PRO B 212 -27.37 -3.58 -3.96
CA PRO B 212 -28.43 -3.24 -4.93
C PRO B 212 -28.43 -4.18 -6.14
N ASN B 213 -29.60 -4.31 -6.77
CA ASN B 213 -29.68 -5.01 -8.06
C ASN B 213 -28.93 -4.29 -9.19
N THR B 214 -28.66 -2.99 -9.04
CA THR B 214 -27.85 -2.29 -10.04
C THR B 214 -26.37 -2.62 -9.92
N CYS B 215 -25.96 -3.45 -8.96
CA CYS B 215 -24.56 -3.84 -8.87
C CYS B 215 -24.20 -4.86 -9.95
N GLU B 216 -23.81 -4.36 -11.12
CA GLU B 216 -23.78 -5.20 -12.30
C GLU B 216 -22.48 -5.97 -12.43
N ASN B 217 -21.38 -5.40 -11.91
CA ASN B 217 -20.03 -5.78 -12.31
C ASN B 217 -19.12 -6.02 -11.12
N VAL B 218 -18.11 -6.83 -11.37
CA VAL B 218 -17.04 -7.09 -10.42
C VAL B 218 -15.72 -6.83 -11.13
N ILE B 219 -14.86 -6.03 -10.51
CA ILE B 219 -13.51 -5.76 -10.99
C ILE B 219 -12.57 -6.62 -10.16
N VAL B 220 -11.80 -7.49 -10.82
CA VAL B 220 -10.99 -8.47 -10.11
C VAL B 220 -9.52 -8.11 -10.28
N ALA B 221 -8.77 -8.17 -9.18
CA ALA B 221 -7.39 -7.72 -9.18
C ALA B 221 -6.46 -8.84 -8.75
N GLY B 222 -5.42 -9.07 -9.55
CA GLY B 222 -4.38 -10.01 -9.21
C GLY B 222 -3.19 -9.24 -8.66
N ILE B 223 -2.66 -9.75 -7.56
CA ILE B 223 -1.63 -9.07 -6.79
C ILE B 223 -0.49 -10.05 -6.59
N ALA B 224 0.61 -9.83 -7.30
CA ALA B 224 1.62 -10.86 -7.49
C ALA B 224 2.51 -11.00 -6.26
N MET B 225 2.73 -12.25 -5.85
CA MET B 225 3.61 -12.58 -4.74
C MET B 225 5.04 -12.79 -5.23
N ASN B 226 5.95 -12.98 -4.29
CA ASN B 226 7.36 -13.08 -4.64
C ASN B 226 7.75 -14.54 -4.82
N ARG B 227 8.34 -14.84 -5.97
CA ARG B 227 8.57 -16.24 -6.33
C ARG B 227 9.65 -16.89 -5.45
N GLU B 228 10.74 -16.16 -5.16
CA GLU B 228 11.81 -16.69 -4.31
C GLU B 228 11.29 -17.03 -2.92
N MET B 229 10.55 -16.10 -2.31
CA MET B 229 9.98 -16.34 -1.00
C MET B 229 8.95 -17.47 -1.05
N MET B 230 8.03 -17.43 -2.03
CA MET B 230 7.02 -18.49 -2.11
C MET B 230 7.67 -19.86 -2.34
N GLN B 231 8.81 -19.88 -3.00
CA GLN B 231 9.47 -21.16 -3.20
C GLN B 231 10.14 -21.68 -1.93
N THR B 232 10.19 -20.92 -0.85
CA THR B 232 10.56 -21.46 0.45
C THR B 232 9.40 -22.14 1.20
N ALA B 233 8.21 -22.23 0.61
CA ALA B 233 7.08 -22.88 1.30
C ALA B 233 7.46 -24.30 1.75
N PRO B 234 6.93 -24.79 2.90
CA PRO B 234 5.95 -24.24 3.85
C PRO B 234 6.61 -23.35 4.91
N ASN B 235 7.80 -22.81 4.61
CA ASN B 235 8.58 -22.13 5.62
C ASN B 235 8.13 -20.67 5.76
N SER B 236 8.83 -19.93 6.63
CA SER B 236 8.32 -18.64 7.07
C SER B 236 8.27 -17.61 5.95
N MET B 237 9.26 -17.62 5.04
CA MET B 237 9.31 -16.56 4.03
C MET B 237 8.21 -16.69 2.99
N ALA B 238 7.63 -17.88 2.78
CA ALA B 238 6.41 -17.95 1.99
C ALA B 238 5.25 -17.28 2.72
N CYS B 239 5.26 -17.35 4.07
CA CYS B 239 4.22 -16.67 4.85
C CYS B 239 4.32 -15.17 4.72
N ALA B 240 5.54 -14.64 4.56
CA ALA B 240 5.73 -13.19 4.53
C ALA B 240 5.25 -12.60 3.21
N THR B 241 5.56 -13.22 2.07
CA THR B 241 5.05 -12.65 0.81
C THR B 241 3.52 -12.71 0.78
N THR B 242 2.95 -13.79 1.33
CA THR B 242 1.51 -13.89 1.51
C THR B 242 0.96 -12.75 2.38
N ALA B 243 1.58 -12.51 3.55
CA ALA B 243 1.08 -11.47 4.45
C ALA B 243 1.14 -10.09 3.79
N PHE B 244 2.28 -9.76 3.18
CA PHE B 244 2.41 -8.45 2.56
C PHE B 244 1.38 -8.25 1.46
N CYS B 245 1.09 -9.29 0.69
CA CYS B 245 0.08 -9.15 -0.35
C CYS B 245 -1.32 -9.00 0.21
N TYR B 246 -1.57 -9.42 1.46
CA TYR B 246 -2.88 -9.16 2.02
C TYR B 246 -3.06 -7.68 2.33
N SER B 247 -1.98 -7.01 2.75
CA SER B 247 -2.08 -5.58 2.97
C SER B 247 -2.18 -4.82 1.66
N ARG B 248 -1.49 -5.28 0.61
CA ARG B 248 -1.66 -4.66 -0.70
C ARG B 248 -3.10 -4.79 -1.20
N MET B 249 -3.71 -5.97 -1.00
CA MET B 249 -5.10 -6.19 -1.41
C MET B 249 -6.04 -5.19 -0.72
N CYS B 250 -5.78 -4.93 0.56
CA CYS B 250 -6.59 -3.99 1.33
C CYS B 250 -6.46 -2.60 0.77
N MET B 251 -5.21 -2.18 0.51
CA MET B 251 -4.99 -0.84 -0.01
C MET B 251 -5.58 -0.69 -1.41
N PHE B 252 -5.41 -1.73 -2.25
CA PHE B 252 -6.07 -1.74 -3.56
C PHE B 252 -7.57 -1.48 -3.43
N ASP B 253 -8.25 -2.28 -2.59
CA ASP B 253 -9.70 -2.19 -2.46
C ASP B 253 -10.12 -0.77 -2.12
N MET B 254 -9.42 -0.16 -1.17
CA MET B 254 -9.80 1.17 -0.69
C MET B 254 -9.50 2.25 -1.72
N TRP B 255 -8.29 2.20 -2.31
CA TRP B 255 -7.95 3.08 -3.41
C TRP B 255 -8.99 3.03 -4.51
N LEU B 256 -9.32 1.82 -4.98
CA LEU B 256 -10.18 1.70 -6.17
C LEU B 256 -11.60 2.09 -5.83
N CYS B 257 -12.08 1.69 -4.65
CA CYS B 257 -13.44 2.06 -4.25
C CYS B 257 -13.60 3.57 -4.24
N GLN B 258 -12.61 4.29 -3.71
CA GLN B 258 -12.70 5.75 -3.64
C GLN B 258 -12.67 6.36 -5.03
N PHE B 259 -11.85 5.80 -5.93
CA PHE B 259 -11.81 6.32 -7.28
C PHE B 259 -13.18 6.19 -7.92
N ILE B 260 -13.77 4.99 -7.81
CA ILE B 260 -15.08 4.73 -8.39
C ILE B 260 -16.13 5.66 -7.80
N ARG B 261 -16.04 5.94 -6.49
CA ARG B 261 -17.03 6.82 -5.86
C ARG B 261 -16.85 8.26 -6.27
N TYR B 262 -15.59 8.72 -6.33
CA TYR B 262 -15.27 10.05 -6.83
C TYR B 262 -15.61 10.20 -8.31
N MET B 263 -15.79 9.08 -9.03
CA MET B 263 -16.36 9.08 -10.37
C MET B 263 -17.88 9.09 -10.35
N GLY B 264 -18.51 9.02 -9.18
CA GLY B 264 -19.94 9.18 -9.07
C GLY B 264 -20.75 7.91 -9.12
N TYR B 265 -20.14 6.75 -8.88
CA TYR B 265 -20.84 5.48 -8.74
C TYR B 265 -20.63 4.99 -7.30
N TYR B 266 -21.10 3.78 -7.01
CA TYR B 266 -20.81 3.17 -5.72
C TYR B 266 -19.87 1.98 -5.87
N ALA B 267 -19.20 1.63 -4.79
CA ALA B 267 -18.21 0.55 -4.86
C ALA B 267 -18.19 -0.21 -3.55
N ILE B 268 -18.14 -1.54 -3.65
CA ILE B 268 -18.08 -2.43 -2.50
C ILE B 268 -16.72 -3.13 -2.51
N PRO B 269 -15.88 -2.97 -1.49
CA PRO B 269 -14.64 -3.72 -1.38
C PRO B 269 -14.92 -5.10 -0.77
N SER B 270 -13.91 -5.99 -0.81
CA SER B 270 -14.17 -7.32 -0.26
C SER B 270 -12.96 -8.05 0.30
N CYS B 271 -11.79 -7.90 -0.32
CA CYS B 271 -10.63 -8.75 -0.03
C CYS B 271 -11.05 -10.23 -0.01
N ASN B 272 -10.90 -10.92 1.12
CA ASN B 272 -11.35 -12.32 1.15
C ASN B 272 -12.85 -12.49 1.48
N GLY B 273 -13.58 -11.41 1.81
CA GLY B 273 -14.99 -11.52 2.10
C GLY B 273 -15.90 -11.48 0.87
N VAL B 274 -17.21 -11.61 1.14
CA VAL B 274 -18.33 -11.34 0.24
C VAL B 274 -18.55 -12.45 -0.81
N GLY B 275 -17.47 -12.97 -1.40
CA GLY B 275 -17.64 -14.01 -2.41
C GLY B 275 -16.36 -14.76 -2.74
N GLN B 276 -16.46 -15.65 -3.72
CA GLN B 276 -15.35 -16.55 -4.07
C GLN B 276 -14.49 -15.92 -5.17
N SER B 277 -13.29 -15.49 -4.76
CA SER B 277 -12.36 -14.79 -5.63
C SER B 277 -11.96 -15.61 -6.86
N VAL B 278 -11.73 -16.92 -6.69
CA VAL B 278 -11.29 -17.73 -7.83
C VAL B 278 -12.34 -17.70 -8.94
N ALA B 279 -13.61 -17.91 -8.58
CA ALA B 279 -14.66 -17.94 -9.62
C ALA B 279 -14.74 -16.63 -10.37
N PHE B 280 -14.67 -15.51 -9.63
CA PHE B 280 -14.70 -14.17 -10.23
C PHE B 280 -13.52 -13.96 -11.18
N ALA B 281 -12.33 -14.40 -10.76
CA ALA B 281 -11.11 -14.22 -11.55
C ALA B 281 -11.17 -15.02 -12.85
N VAL B 282 -11.72 -16.23 -12.82
CA VAL B 282 -11.86 -17.03 -14.05
C VAL B 282 -12.88 -16.38 -14.98
N GLU B 283 -13.98 -15.86 -14.43
CA GLU B 283 -14.98 -15.17 -15.25
C GLU B 283 -14.49 -13.82 -15.75
N ALA B 284 -13.60 -13.17 -15.01
CA ALA B 284 -13.05 -11.89 -15.45
C ALA B 284 -11.88 -12.07 -16.42
N GLY B 285 -11.44 -13.30 -16.65
CA GLY B 285 -10.39 -13.57 -17.61
C GLY B 285 -8.96 -13.48 -17.10
N LEU B 286 -8.74 -13.46 -15.78
CA LEU B 286 -7.37 -13.41 -15.25
C LEU B 286 -6.64 -14.75 -15.41
N GLY B 287 -7.38 -15.86 -15.42
CA GLY B 287 -6.75 -17.15 -15.52
C GLY B 287 -7.81 -18.24 -15.44
N GLN B 288 -7.36 -19.47 -15.35
CA GLN B 288 -8.28 -20.60 -15.25
C GLN B 288 -8.06 -21.37 -13.95
N ALA B 289 -9.09 -22.13 -13.58
CA ALA B 289 -9.05 -22.94 -12.37
C ALA B 289 -8.15 -24.14 -12.60
N SER B 290 -7.57 -24.62 -11.52
CA SER B 290 -6.57 -25.68 -11.61
C SER B 290 -6.95 -26.84 -10.69
N ARG B 291 -6.11 -27.87 -10.73
CA ARG B 291 -6.32 -28.98 -9.80
C ARG B 291 -6.23 -28.54 -8.34
N MET B 292 -5.23 -27.72 -7.99
CA MET B 292 -5.14 -27.28 -6.60
C MET B 292 -6.37 -26.45 -6.18
N GLY B 293 -7.03 -25.80 -7.13
CA GLY B 293 -8.21 -25.01 -6.84
C GLY B 293 -7.98 -23.53 -6.96
N ALA B 294 -6.76 -23.11 -7.25
CA ALA B 294 -6.49 -21.72 -7.45
C ALA B 294 -6.81 -21.30 -8.89
N CYS B 295 -6.82 -19.99 -9.12
CA CYS B 295 -6.81 -19.43 -10.45
C CYS B 295 -5.35 -19.33 -10.91
N ILE B 296 -5.01 -20.00 -11.99
CA ILE B 296 -3.66 -19.96 -12.53
C ILE B 296 -3.66 -18.92 -13.64
N THR B 297 -2.76 -17.95 -13.54
CA THR B 297 -2.62 -16.88 -14.50
C THR B 297 -1.42 -17.13 -15.41
N PRO B 298 -1.46 -16.69 -16.67
CA PRO B 298 -0.30 -16.87 -17.55
C PRO B 298 0.95 -16.13 -17.09
N GLU B 299 0.81 -14.96 -16.46
CA GLU B 299 2.00 -14.26 -16.03
C GLU B 299 2.58 -14.83 -14.76
N PHE B 300 1.76 -15.28 -13.82
CA PHE B 300 2.29 -15.69 -12.51
C PHE B 300 1.99 -17.13 -12.12
N GLY B 301 1.27 -17.89 -12.93
CA GLY B 301 0.74 -19.16 -12.47
C GLY B 301 -0.27 -18.91 -11.36
N PRO B 302 -0.35 -19.84 -10.39
CA PRO B 302 -1.15 -19.57 -9.20
C PRO B 302 -0.50 -18.65 -8.16
N ASN B 303 0.74 -18.17 -8.38
CA ASN B 303 1.49 -17.42 -7.38
C ASN B 303 1.08 -15.94 -7.37
N VAL B 304 -0.22 -15.72 -7.16
CA VAL B 304 -0.80 -14.39 -7.17
C VAL B 304 -2.00 -14.41 -6.25
N ARG B 305 -2.22 -13.33 -5.54
CA ARG B 305 -3.39 -13.21 -4.68
C ARG B 305 -4.48 -12.50 -5.45
N LEU B 306 -5.73 -12.68 -5.00
CA LEU B 306 -6.87 -12.03 -5.62
C LEU B 306 -7.62 -11.14 -4.64
N THR B 307 -8.28 -10.11 -5.18
CA THR B 307 -9.26 -9.32 -4.45
C THR B 307 -10.17 -8.74 -5.51
N LYS B 308 -11.28 -8.13 -5.09
CA LYS B 308 -12.27 -7.72 -6.05
C LYS B 308 -13.12 -6.58 -5.50
N VAL B 309 -13.67 -5.78 -6.40
CA VAL B 309 -14.56 -4.69 -6.07
C VAL B 309 -15.82 -4.84 -6.91
N PHE B 310 -16.97 -4.58 -6.29
CA PHE B 310 -18.28 -4.72 -6.94
C PHE B 310 -18.85 -3.33 -7.17
N THR B 311 -19.39 -3.09 -8.37
CA THR B 311 -19.81 -1.74 -8.71
C THR B 311 -20.96 -1.73 -9.72
N ASN B 312 -21.74 -0.65 -9.67
CA ASN B 312 -22.70 -0.36 -10.74
C ASN B 312 -22.08 0.44 -11.89
N MET B 313 -20.81 0.81 -11.78
CA MET B 313 -20.16 1.53 -12.86
C MET B 313 -20.27 0.74 -14.16
N PRO B 314 -20.74 1.35 -15.25
CA PRO B 314 -20.79 0.64 -16.53
C PRO B 314 -19.38 0.29 -17.01
N LEU B 315 -19.23 -0.95 -17.45
CA LEU B 315 -17.94 -1.53 -17.80
C LEU B 315 -18.09 -2.53 -18.93
N VAL B 316 -17.00 -2.76 -19.64
CA VAL B 316 -16.94 -3.78 -20.68
C VAL B 316 -16.39 -5.06 -20.07
N PRO B 317 -17.15 -6.15 -20.00
CA PRO B 317 -16.59 -7.40 -19.48
C PRO B 317 -15.44 -7.88 -20.36
N ASP B 318 -14.40 -8.40 -19.74
CA ASP B 318 -13.37 -9.08 -20.51
C ASP B 318 -13.85 -10.47 -20.89
N LYS B 319 -13.12 -11.10 -21.76
CA LYS B 319 -13.34 -12.48 -22.16
C LYS B 319 -12.66 -13.41 -21.18
N PRO B 320 -13.31 -14.51 -20.84
CA PRO B 320 -12.60 -15.59 -20.14
C PRO B 320 -11.42 -16.08 -20.98
N ILE B 321 -10.49 -16.70 -20.30
CA ILE B 321 -9.19 -17.08 -20.84
C ILE B 321 -9.15 -18.60 -20.93
N ASP B 322 -8.43 -19.10 -21.93
CA ASP B 322 -8.24 -20.55 -22.11
C ASP B 322 -6.87 -20.75 -22.73
N PHE B 323 -5.86 -21.07 -21.90
CA PHE B 323 -4.53 -21.39 -22.40
C PHE B 323 -4.09 -22.81 -22.06
N GLY B 324 -5.05 -23.74 -21.94
CA GLY B 324 -4.76 -25.16 -21.80
C GLY B 324 -4.58 -25.69 -20.39
N VAL B 325 -4.90 -24.89 -19.35
CA VAL B 325 -4.60 -25.31 -17.98
C VAL B 325 -5.40 -26.56 -17.61
N THR B 326 -6.66 -26.66 -18.06
CA THR B 326 -7.46 -27.81 -17.68
C THR B 326 -6.83 -29.09 -18.19
N GLU B 327 -6.51 -29.11 -19.48
CA GLU B 327 -5.82 -30.26 -20.07
C GLU B 327 -4.51 -30.57 -19.35
N PHE B 328 -3.74 -29.55 -19.00
CA PHE B 328 -2.47 -29.76 -18.31
C PHE B 328 -2.67 -30.38 -16.93
N CYS B 329 -3.55 -29.78 -16.12
CA CYS B 329 -3.82 -30.30 -14.78
C CYS B 329 -4.33 -31.74 -14.85
N GLU B 330 -5.09 -32.07 -15.90
CA GLU B 330 -5.59 -33.42 -16.09
C GLU B 330 -4.50 -34.48 -15.97
N THR B 331 -3.31 -34.21 -16.52
CA THR B 331 -2.23 -35.18 -16.52
C THR B 331 -1.03 -34.77 -15.66
N CYS B 332 -1.11 -33.69 -14.90
CA CYS B 332 0.08 -33.23 -14.18
C CYS B 332 0.17 -33.86 -12.79
N LYS B 333 -0.74 -33.49 -11.89
CA LYS B 333 -0.85 -34.05 -10.55
C LYS B 333 0.34 -33.73 -9.64
N LYS B 334 1.15 -32.72 -9.97
CA LYS B 334 2.33 -32.45 -9.15
C LYS B 334 1.97 -31.88 -7.77
N CYS B 335 1.04 -30.92 -7.72
CA CYS B 335 0.67 -30.39 -6.42
C CYS B 335 0.08 -31.48 -5.53
N ALA B 336 -0.80 -32.31 -6.09
CA ALA B 336 -1.40 -33.40 -5.33
C ALA B 336 -0.34 -34.32 -4.72
N ARG B 337 0.76 -34.56 -5.43
CA ARG B 337 1.80 -35.46 -4.91
C ARG B 337 2.69 -34.78 -3.87
N GLU B 338 2.92 -33.48 -4.00
CA GLU B 338 3.78 -32.74 -3.09
C GLU B 338 3.05 -32.24 -1.85
N CYS B 339 1.73 -32.25 -1.86
CA CYS B 339 0.93 -31.64 -0.82
C CYS B 339 1.15 -32.34 0.52
N PRO B 340 1.67 -31.62 1.54
CA PRO B 340 2.03 -32.30 2.80
C PRO B 340 0.87 -32.96 3.53
N SER B 341 -0.37 -32.63 3.19
CA SER B 341 -1.53 -33.16 3.90
C SER B 341 -2.42 -34.02 3.03
N LYS B 342 -1.99 -34.32 1.79
CA LYS B 342 -2.80 -35.07 0.83
C LYS B 342 -4.21 -34.50 0.72
N ALA B 343 -4.29 -33.17 0.64
CA ALA B 343 -5.56 -32.45 0.51
C ALA B 343 -6.09 -32.40 -0.91
N ILE B 344 -5.20 -32.45 -1.91
CA ILE B 344 -5.53 -32.23 -3.31
C ILE B 344 -5.80 -33.56 -3.98
N THR B 345 -6.94 -33.68 -4.64
CA THR B 345 -7.35 -34.94 -5.26
C THR B 345 -6.49 -35.26 -6.47
N GLU B 346 -6.36 -36.55 -6.77
CA GLU B 346 -5.71 -36.96 -8.00
C GLU B 346 -6.71 -37.37 -9.04
N GLY B 347 -7.99 -37.39 -8.69
CA GLY B 347 -9.01 -37.87 -9.59
C GLY B 347 -9.60 -36.81 -10.49
N PRO B 348 -10.67 -37.21 -11.19
CA PRO B 348 -11.31 -36.34 -12.17
C PRO B 348 -12.14 -35.28 -11.48
N ARG B 349 -12.58 -34.31 -12.28
CA ARG B 349 -13.48 -33.27 -11.74
C ARG B 349 -14.91 -33.77 -11.68
N THR B 350 -15.63 -33.29 -10.67
CA THR B 350 -17.00 -33.69 -10.41
C THR B 350 -17.82 -32.47 -10.00
N PHE B 351 -19.14 -32.66 -9.89
CA PHE B 351 -20.03 -31.62 -9.41
C PHE B 351 -20.32 -31.73 -7.93
N GLU B 352 -19.77 -32.73 -7.24
CA GLU B 352 -20.12 -32.94 -5.84
C GLU B 352 -18.89 -32.79 -4.95
N GLY B 353 -18.99 -31.89 -3.98
CA GLY B 353 -17.86 -31.59 -3.13
C GLY B 353 -17.58 -32.69 -2.13
N ARG B 354 -16.33 -32.76 -1.74
CA ARG B 354 -15.88 -33.78 -0.83
C ARG B 354 -16.46 -33.62 0.59
N SER B 355 -16.81 -32.40 0.99
CA SER B 355 -17.26 -32.13 2.34
C SER B 355 -17.94 -30.77 2.33
N ILE B 356 -18.45 -30.35 3.50
CA ILE B 356 -19.17 -29.10 3.73
C ILE B 356 -18.36 -27.90 3.27
N HIS B 357 -17.02 -28.04 3.21
CA HIS B 357 -16.20 -26.90 2.86
C HIS B 357 -16.26 -26.55 1.38
N ASN B 358 -16.70 -27.51 0.54
CA ASN B 358 -16.84 -27.27 -0.89
C ASN B 358 -18.26 -26.86 -1.25
N GLN B 359 -18.38 -26.08 -2.31
CA GLN B 359 -19.66 -25.71 -2.86
C GLN B 359 -19.94 -26.66 -4.02
N SER B 360 -20.88 -27.57 -3.82
CA SER B 360 -21.27 -28.49 -4.89
C SER B 360 -22.09 -27.76 -5.96
N GLY B 361 -22.06 -28.34 -7.16
CA GLY B 361 -22.86 -27.85 -8.25
C GLY B 361 -22.08 -27.26 -9.40
N LYS B 362 -20.79 -26.99 -9.23
CA LYS B 362 -19.94 -26.53 -10.31
C LYS B 362 -18.89 -27.60 -10.54
N LEU B 363 -18.54 -27.80 -11.81
CA LEU B 363 -17.52 -28.78 -12.18
C LEU B 363 -16.13 -28.29 -11.78
N GLN B 364 -15.47 -28.98 -10.86
CA GLN B 364 -14.15 -28.57 -10.40
C GLN B 364 -13.43 -29.81 -9.88
N TRP B 365 -12.12 -29.68 -9.67
CA TRP B 365 -11.43 -30.67 -8.85
C TRP B 365 -11.80 -30.46 -7.38
N GLN B 366 -12.26 -31.54 -6.74
CA GLN B 366 -12.80 -31.46 -5.39
C GLN B 366 -11.73 -31.90 -4.41
N ASN B 367 -11.32 -30.98 -3.54
CA ASN B 367 -10.25 -31.21 -2.59
C ASN B 367 -10.77 -31.15 -1.15
N ASP B 368 -9.99 -31.75 -0.26
CA ASP B 368 -10.31 -31.76 1.17
C ASP B 368 -9.60 -30.59 1.84
N TYR B 369 -10.35 -29.53 2.11
CA TYR B 369 -9.72 -28.33 2.62
C TYR B 369 -9.52 -28.37 4.13
N ASN B 370 -10.17 -29.31 4.81
CA ASN B 370 -9.88 -29.48 6.22
C ASN B 370 -8.54 -30.17 6.43
N LYS B 371 -8.20 -31.17 5.59
CA LYS B 371 -6.84 -31.69 5.59
C LYS B 371 -5.82 -30.58 5.39
N CYS B 372 -6.10 -29.65 4.47
CA CYS B 372 -5.19 -28.53 4.25
C CYS B 372 -5.03 -27.68 5.52
N LEU B 373 -6.14 -27.17 6.07
CA LEU B 373 -6.04 -26.33 7.27
C LEU B 373 -5.27 -27.06 8.36
N GLY B 374 -5.55 -28.33 8.55
CA GLY B 374 -4.85 -29.11 9.54
C GLY B 374 -3.34 -29.03 9.43
N TYR B 375 -2.81 -28.90 8.22
CA TYR B 375 -1.36 -28.83 8.16
C TYR B 375 -0.82 -27.44 8.55
N TRP B 376 -1.68 -26.41 8.67
CA TRP B 376 -1.13 -25.09 9.03
C TRP B 376 -0.66 -25.01 10.48
N PRO B 377 -1.41 -25.51 11.47
CA PRO B 377 -0.83 -25.53 12.83
C PRO B 377 0.43 -26.39 12.93
N GLU B 378 0.48 -27.52 12.21
N GLU B 378 0.47 -27.52 12.22
CA GLU B 378 1.62 -28.43 12.32
CA GLU B 378 1.62 -28.43 12.31
C GLU B 378 2.91 -27.79 11.82
C GLU B 378 2.91 -27.75 11.84
N SER B 379 2.83 -27.00 10.75
CA SER B 379 4.02 -26.42 10.15
C SER B 379 4.26 -24.97 10.54
N GLY B 380 3.30 -24.31 11.18
CA GLY B 380 3.53 -22.97 11.68
C GLY B 380 3.43 -21.90 10.62
N GLY B 381 2.80 -22.21 9.48
CA GLY B 381 2.62 -21.27 8.42
C GLY B 381 1.31 -21.39 7.68
N TYR B 382 1.33 -20.91 6.43
CA TYR B 382 0.22 -21.03 5.50
C TYR B 382 0.59 -21.95 4.33
N CYS B 383 1.61 -22.78 4.54
CA CYS B 383 2.08 -23.74 3.56
C CYS B 383 2.27 -23.09 2.18
N GLY B 384 1.46 -23.45 1.19
CA GLY B 384 1.68 -23.00 -0.17
C GLY B 384 2.60 -23.89 -1.00
N VAL B 385 2.89 -25.13 -0.54
CA VAL B 385 3.72 -26.05 -1.33
C VAL B 385 3.11 -26.24 -2.73
N CYS B 386 1.78 -26.33 -2.80
CA CYS B 386 1.13 -26.48 -4.12
C CYS B 386 1.48 -25.33 -5.05
N VAL B 387 1.29 -24.09 -4.60
CA VAL B 387 1.63 -22.92 -5.41
C VAL B 387 3.11 -22.97 -5.83
N ALA B 388 4.00 -23.33 -4.91
CA ALA B 388 5.43 -23.22 -5.21
C ALA B 388 5.88 -24.25 -6.24
N VAL B 389 5.33 -25.49 -6.18
CA VAL B 389 5.76 -26.56 -7.08
C VAL B 389 5.03 -26.58 -8.43
N CYS B 390 3.99 -25.78 -8.60
CA CYS B 390 3.20 -25.80 -9.83
C CYS B 390 4.03 -25.30 -11.01
N PRO B 391 4.08 -26.04 -12.14
CA PRO B 391 4.94 -25.59 -13.25
C PRO B 391 4.57 -24.22 -13.77
N PHE B 392 3.33 -23.79 -13.59
CA PHE B 392 2.94 -22.45 -14.05
C PHE B 392 3.53 -21.34 -13.19
N THR B 393 4.02 -21.65 -11.98
CA THR B 393 4.69 -20.62 -11.17
C THR B 393 6.06 -20.26 -11.74
N LYS B 394 6.77 -21.21 -12.32
CA LYS B 394 8.13 -20.94 -12.82
C LYS B 394 8.11 -20.12 -14.10
N ASN B 431 17.76 -22.09 0.14
CA ASN B 431 17.41 -21.88 1.54
C ASN B 431 17.11 -20.41 1.87
N ILE B 432 16.62 -20.20 3.09
CA ILE B 432 16.10 -18.89 3.46
C ILE B 432 17.21 -17.88 3.70
N THR B 433 18.39 -18.35 4.09
CA THR B 433 19.52 -17.44 4.18
C THR B 433 19.85 -16.82 2.83
N GLU B 434 19.78 -17.61 1.76
CA GLU B 434 20.06 -17.08 0.44
C GLU B 434 18.96 -16.12 -0.02
N VAL B 435 17.72 -16.33 0.39
CA VAL B 435 16.66 -15.38 0.07
C VAL B 435 16.92 -14.05 0.74
N TRP B 436 17.29 -14.08 2.04
CA TRP B 436 17.55 -12.86 2.79
C TRP B 436 18.70 -12.08 2.20
N ASP B 437 19.66 -12.76 1.61
CA ASP B 437 20.83 -12.14 0.99
C ASP B 437 20.69 -11.96 -0.51
N GLY B 438 19.60 -12.42 -1.12
CA GLY B 438 19.45 -12.46 -2.55
C GLY B 438 18.65 -11.31 -3.14
N LYS B 439 18.13 -11.56 -4.35
CA LYS B 439 17.40 -10.56 -5.12
C LYS B 439 16.11 -10.11 -4.42
N ILE B 440 15.91 -8.80 -4.35
CA ILE B 440 14.65 -8.20 -3.95
C ILE B 440 14.51 -6.89 -4.71
N ASN B 441 13.26 -6.50 -4.96
CA ASN B 441 12.93 -5.21 -5.57
C ASN B 441 11.65 -4.72 -4.93
N THR B 442 11.16 -3.56 -5.40
CA THR B 442 10.05 -2.90 -4.72
C THR B 442 8.79 -3.78 -4.67
N TYR B 443 8.19 -3.85 -3.48
CA TYR B 443 7.01 -4.67 -3.22
C TYR B 443 7.25 -6.16 -3.48
N GLY B 444 8.50 -6.60 -3.60
CA GLY B 444 8.77 -7.99 -3.94
C GLY B 444 8.52 -8.36 -5.39
N LEU B 445 8.30 -7.38 -6.26
CA LEU B 445 8.18 -7.66 -7.69
C LEU B 445 9.55 -7.86 -8.38
N ASP B 446 9.50 -8.45 -9.56
CA ASP B 446 10.69 -8.92 -10.28
C ASP B 446 10.86 -8.09 -11.54
N ALA B 447 12.02 -7.43 -11.69
CA ALA B 447 12.28 -6.65 -12.90
C ALA B 447 12.26 -7.51 -14.16
N ASP B 448 12.74 -8.77 -14.07
CA ASP B 448 12.86 -9.65 -15.23
C ASP B 448 11.52 -10.03 -15.84
N HIS B 449 10.43 -9.76 -15.15
CA HIS B 449 9.10 -10.16 -15.59
C HIS B 449 8.12 -9.00 -15.49
N PHE B 450 8.54 -7.89 -14.90
CA PHE B 450 7.68 -6.75 -14.72
C PHE B 450 7.31 -6.08 -16.03
N ARG B 451 8.05 -6.33 -17.11
CA ARG B 451 7.60 -5.86 -18.41
C ARG B 451 6.35 -6.58 -18.87
N ASP B 452 6.06 -7.78 -18.34
CA ASP B 452 4.89 -8.53 -18.81
C ASP B 452 3.58 -7.87 -18.43
N THR B 453 3.58 -7.00 -17.44
CA THR B 453 2.35 -6.38 -16.95
C THR B 453 2.23 -4.92 -17.37
N VAL B 454 3.06 -4.46 -18.32
CA VAL B 454 2.87 -3.11 -18.83
C VAL B 454 1.60 -3.07 -19.65
N SER B 455 0.87 -1.97 -19.55
CA SER B 455 -0.47 -1.85 -20.10
C SER B 455 -0.58 -0.55 -20.90
N PHE B 456 -1.29 -0.64 -22.03
CA PHE B 456 -1.73 0.49 -22.81
C PHE B 456 -3.22 0.35 -23.02
N ARG B 457 -3.80 1.38 -23.62
CA ARG B 457 -5.24 1.37 -23.85
C ARG B 457 -5.66 0.13 -24.61
N LYS B 458 -4.87 -0.26 -25.63
CA LYS B 458 -5.13 -1.48 -26.38
C LYS B 458 -5.38 -2.68 -25.45
N ASP B 459 -4.63 -2.78 -24.35
CA ASP B 459 -4.76 -3.91 -23.45
C ASP B 459 -5.94 -3.79 -22.48
N ARG B 460 -6.45 -2.58 -22.23
CA ARG B 460 -7.42 -2.39 -21.16
C ARG B 460 -8.86 -2.57 -21.63
N VAL B 461 -9.23 -2.07 -22.81
CA VAL B 461 -10.62 -2.17 -23.23
C VAL B 461 -10.80 -2.50 -24.72
FE1 SF4 C . 17.09 20.35 -11.64
FE2 SF4 C . 19.21 21.61 -10.45
FE3 SF4 C . 16.86 22.98 -11.01
FE4 SF4 C . 18.59 22.26 -13.07
S1 SF4 C . 19.01 23.71 -11.30
S2 SF4 C . 16.30 21.94 -13.03
S3 SF4 C . 19.33 20.27 -12.28
S4 SF4 C . 17.14 21.31 -9.54
FE1 SF4 D . 5.76 24.90 -9.02
FE2 SF4 D . 8.33 24.15 -8.02
FE3 SF4 D . 7.77 26.73 -8.71
FE4 SF4 D . 6.56 25.54 -6.45
S1 SF4 D . 8.79 25.98 -6.78
S2 SF4 D . 5.57 26.87 -8.03
S3 SF4 D . 6.25 23.48 -7.30
S4 SF4 D . 7.80 24.99 -10.12
P BVQ E . 14.22 25.04 4.18
CO BVQ E . 7.11 19.96 -0.39
C1 BVQ E . 8.86 17.94 0.63
C2 BVQ E . 9.01 16.40 0.34
O2 BVQ E . 14.51 23.72 3.36
C3 BVQ E . 9.10 16.41 -1.23
O3 BVQ E . 12.77 24.75 4.78
C4 BVQ E . 8.34 17.65 -1.59
O4 BVQ E . 15.21 25.29 5.26
C5 BVQ E . 7.77 17.92 -2.97
O5 BVQ E . 14.18 26.11 3.06
C6 BVQ E . 7.20 19.16 -3.26
C7 BVQ E . 6.61 19.70 -4.57
C8 BVQ E . 6.92 21.21 -4.40
C9 BVQ E . 6.77 21.29 -2.89
C10 BVQ E . 6.34 22.45 -2.32
C11 BVQ E . 6.22 22.66 -0.97
C12 BVQ E . 5.73 24.00 -0.47
C13 BVQ E . 5.77 23.81 1.10
C14 BVQ E . 6.37 22.34 1.27
C15 BVQ E . 6.59 21.73 2.50
C16 BVQ E . 7.19 20.31 2.59
C17 BVQ E . 7.52 19.50 3.84
C18 BVQ E . 8.34 18.37 3.21
C19 BVQ E . 7.85 18.29 1.76
N1B BVQ E . 16.16 21.23 2.51
C1P BVQ E . 11.13 23.79 6.29
C1R BVQ E . 15.05 21.34 1.58
C20 BVQ E . 10.10 18.77 0.90
N21 BVQ E . 8.21 18.45 -0.58
N22 BVQ E . 7.17 20.16 -2.30
N23 BVQ E . 6.59 21.76 0.00
N24 BVQ E . 7.39 19.66 1.46
C25 BVQ E . 10.18 15.76 1.09
C26 BVQ E . 7.66 15.66 0.66
C27 BVQ E . 7.56 14.10 0.35
O28 BVQ E . 8.46 13.54 -0.28
N29 BVQ E . 6.49 13.46 0.79
C2B BVQ E . 15.95 20.98 3.80
C2P BVQ E . 12.58 24.29 6.11
C2R BVQ E . 14.75 22.76 1.09
C30 BVQ E . 10.56 16.46 -1.72
C31 BVQ E . 11.07 15.11 -2.23
C32 BVQ E . 12.52 15.10 -2.64
N33 BVQ E . 12.84 14.29 -3.63
O34 BVQ E . 13.35 15.81 -2.07
C35 BVQ E . 7.93 16.77 -3.91
C36 BVQ E . 7.22 19.26 -5.92
C37 BVQ E . 5.07 19.55 -4.53
C38 BVQ E . 4.62 18.20 -5.09
O39 BVQ E . 5.01 17.15 -4.61
N3B BVQ E . 17.09 20.87 4.52
C3R BVQ E . 13.84 23.27 2.20
N40 BVQ E . 3.78 18.26 -6.12
C41 BVQ E . 8.35 21.53 -4.85
C42 BVQ E . 8.94 22.81 -4.25
C43 BVQ E . 10.45 22.89 -4.36
O44 BVQ E . 11.16 21.99 -3.93
N45 BVQ E . 10.94 23.99 -4.93
C46 BVQ E . 4.32 24.32 -1.01
C47 BVQ E . 6.71 25.06 -0.98
C48 BVQ E . 6.58 24.95 1.72
C49 BVQ E . 8.04 24.62 2.06
N4B BVQ E . 19.45 21.05 3.93
C4R BVQ E . 13.02 22.02 2.57
C50 BVQ E . 8.51 25.42 3.25
O51 BVQ E . 7.70 25.94 4.02
N52 BVQ E . 9.82 25.55 3.40
C53 BVQ E . 6.25 22.41 3.80
C54 BVQ E . 6.25 18.99 4.56
C55 BVQ E . 8.36 20.17 4.95
C56 BVQ E . 9.51 20.98 4.35
C57 BVQ E . 10.13 21.70 5.51
O58 BVQ E . 10.14 21.21 6.63
N59 BVQ E . 10.64 22.90 5.26
C5B BVQ E . 20.17 21.29 2.85
C5R BVQ E . 11.71 21.87 1.86
C60 BVQ E . 8.25 17.01 3.95
C61 BVQ E . 9.19 17.00 5.15
N62 BVQ E . 8.63 16.82 6.33
O63 BVQ E . 10.40 17.18 5.00
N6B BVQ E . 19.75 21.52 1.59
O6R BVQ E . 13.87 20.90 2.24
N7A BVQ E . 18.01 21.70 0.08
C7B BVQ E . 18.42 21.52 1.33
O7R BVQ E . 15.96 23.52 1.04
C8B BVQ E . 17.55 21.29 2.42
O8R BVQ E . 10.87 22.98 2.12
C9B BVQ E . 18.12 21.07 3.66
C1 GOL F . -4.17 0.69 10.79
O1 GOL F . -5.15 1.69 10.81
C2 GOL F . -3.26 0.91 11.97
O2 GOL F . -3.20 -0.23 12.78
C3 GOL F . -3.65 2.20 12.72
O3 GOL F . -2.55 2.79 13.39
CL2 T6C G . 2.39 17.63 -2.67
C2 T6C G . 1.36 18.07 -1.36
C1 T6C G . 1.87 18.02 -0.07
C6 T6C G . 1.01 18.39 0.97
CL6 T6C G . 1.61 18.32 2.60
O1 T6C G . 3.14 17.65 0.20
C3 T6C G . 0.06 18.44 -1.63
C4 T6C G . -0.74 18.81 -0.57
CL4 T6C G . -2.38 19.30 -0.89
C5 T6C G . -0.29 18.78 0.73
FE1 SF4 H . -0.20 -26.82 -11.14
FE2 SF4 H . -2.37 -28.19 -12.24
FE3 SF4 H . -1.41 -28.95 -9.80
FE4 SF4 H . 0.09 -29.42 -12.08
S1 SF4 H . -2.00 -30.31 -11.55
S2 SF4 H . 0.88 -28.53 -10.11
S3 SF4 H . -0.40 -27.61 -13.30
S4 SF4 H . -2.36 -26.98 -10.29
FE1 SF4 I . -0.08 -27.05 1.44
FE2 SF4 I . -1.55 -26.58 -0.86
FE3 SF4 I . -2.84 -26.88 1.60
FE4 SF4 I . -1.64 -29.03 0.38
S1 SF4 I . -3.45 -27.82 -0.42
S2 SF4 I . -1.44 -28.43 2.61
S3 SF4 I . 0.16 -28.13 -0.61
S4 SF4 I . -1.45 -25.25 0.98
P BVQ J . -14.87 -24.78 -3.22
CO BVQ J . -7.10 -19.95 0.50
C1 BVQ J . -8.02 -18.17 -1.55
C2 BVQ J . -7.37 -16.95 -2.34
O2 BVQ J . -13.90 -23.92 -4.15
C3 BVQ J . -6.00 -17.59 -2.80
O3 BVQ J . -14.83 -23.95 -1.85
C4 BVQ J . -5.77 -18.63 -1.74
O4 BVQ J . -16.24 -24.90 -3.79
C5 BVQ J . -4.44 -19.30 -1.49
O5 BVQ J . -14.04 -26.05 -3.18
C6 BVQ J . -4.30 -20.32 -0.56
C7 BVQ J . -3.06 -21.14 -0.18
C8 BVQ J . -3.76 -22.49 0.16
C9 BVQ J . -5.08 -21.97 0.69
C10 BVQ J . -5.78 -22.69 1.66
C11 BVQ J . -7.03 -22.34 2.13
C12 BVQ J . -7.74 -23.20 3.16
C13 BVQ J . -9.13 -22.47 3.38
C14 BVQ J . -9.04 -21.28 2.36
C15 BVQ J . -10.02 -20.32 2.24
C16 BVQ J . -9.87 -19.20 1.25
C17 BVQ J . -10.87 -18.08 0.99
C18 BVQ J . -10.33 -17.56 -0.36
C19 BVQ J . -8.82 -17.82 -0.26
N1B BVQ J . -13.12 -22.33 -6.76
C1P BVQ J . -15.27 -22.16 -0.31
C1R BVQ J . -11.93 -22.50 -5.94
C20 BVQ J . -8.92 -19.14 -2.29
N21 BVQ J . -6.86 -18.93 -1.07
N22 BVQ J . -5.43 -20.82 0.10
N23 BVQ J . -7.78 -21.30 1.67
N24 BVQ J . -8.77 -19.07 0.55
C25 BVQ J . -8.22 -16.45 -3.53
C26 BVQ J . -7.04 -15.79 -1.39
C27 BVQ J . -6.24 -14.55 -1.98
O28 BVQ J . -5.63 -14.67 -3.05
N29 BVQ J . -6.26 -13.42 -1.28
C2B BVQ J . -14.13 -21.57 -6.38
C2P BVQ J . -15.72 -22.88 -1.59
C2R BVQ J . -11.74 -23.91 -5.36
C30 BVQ J . -6.04 -18.15 -4.23
C31 BVQ J . -5.25 -17.30 -5.23
C32 BVQ J . -5.41 -17.73 -6.68
N33 BVQ J . -4.37 -17.51 -7.47
O34 BVQ J . -6.47 -18.23 -7.08
C35 BVQ J . -3.38 -18.74 -2.40
C36 BVQ J . -1.96 -21.33 -1.24
C37 BVQ J . -2.47 -20.72 1.18
C38 BVQ J . -1.39 -19.65 1.05
O39 BVQ J . -1.61 -18.57 0.48
N3B BVQ J . -15.14 -21.52 -7.28
C3R BVQ J . -12.50 -23.78 -4.04
N40 BVQ J . -0.24 -19.96 1.61
C41 BVQ J . -3.97 -23.33 -1.12
C42 BVQ J . -5.07 -24.38 -1.01
C43 BVQ J . -5.76 -24.68 -2.32
O44 BVQ J . -6.87 -24.20 -2.59
N45 BVQ J . -5.12 -25.50 -3.12
C46 BVQ J . -6.96 -23.27 4.49
C47 BVQ J . -7.88 -24.62 2.57
C48 BVQ J . -10.32 -23.44 3.25
C49 BVQ J . -10.98 -23.50 1.86
N4B BVQ J . -15.45 -22.54 -9.47
C4R BVQ J . -12.19 -22.35 -3.60
C50 BVQ J . -12.38 -24.06 1.96
O51 BVQ J . -12.91 -24.24 3.06
N52 BVQ J . -12.97 -24.36 0.83
C53 BVQ J . -11.26 -20.31 3.11
C54 BVQ J . -10.78 -17.03 2.11
C55 BVQ J . -12.34 -18.51 0.72
C56 BVQ J . -12.42 -19.65 -0.30
C57 BVQ J . -13.83 -20.18 -0.31
O58 BVQ J . -14.80 -19.44 -0.13
N59 BVQ J . -13.99 -21.50 -0.46
C5B BVQ J . -14.78 -23.36 -10.28
C5R BVQ J . -10.95 -22.21 -2.76
C60 BVQ J . -10.71 -16.12 -0.73
C61 BVQ J . -12.08 -16.04 -1.35
N62 BVQ J . -12.95 -15.25 -0.74
O63 BVQ J . -12.36 -16.69 -2.36
N6B BVQ J . -13.57 -23.91 -10.09
O6R BVQ J . -12.01 -21.61 -4.83
N7A BVQ J . -11.65 -24.09 -8.84
C7B BVQ J . -12.89 -23.63 -8.96
O7R BVQ J . -12.37 -24.90 -6.16
C8B BVQ J . -13.51 -22.80 -8.01
O8R BVQ J . -11.17 -22.77 -1.46
C9B BVQ J . -14.76 -22.30 -8.34
C1 GOL K . -8.71 4.09 5.84
O1 GOL K . -8.43 4.62 7.10
C2 GOL K . -10.21 4.10 5.71
O2 GOL K . -10.64 5.45 5.82
C3 GOL K . -10.74 3.26 6.87
O3 GOL K . -12.12 2.96 6.73
CL2 T6C L . -7.47 -16.40 4.92
C2 T6C L . -5.79 -16.69 5.29
C1 T6C L . -4.92 -16.91 4.24
C6 T6C L . -3.58 -17.13 4.56
CL6 T6C L . -2.46 -17.40 3.28
O1 T6C L . -5.32 -16.91 2.93
C3 T6C L . -5.38 -16.70 6.61
C4 T6C L . -4.05 -16.92 6.88
CL4 T6C L . -3.50 -16.93 8.53
C5 T6C L . -3.13 -17.14 5.87
#